data_8DPG
#
_entry.id   8DPG
#
_cell.length_a   1.00
_cell.length_b   1.00
_cell.length_c   1.00
_cell.angle_alpha   90.00
_cell.angle_beta   90.00
_cell.angle_gamma   90.00
#
_symmetry.space_group_name_H-M   'P 1'
#
loop_
_entity.id
_entity.type
_entity.pdbx_description
1 polymer '5-hydroxytryptamine receptor 2C'
2 polymer 'G-alpha subunit q (Gi2-mini-Gq chimera)'
3 polymer 'Guanine nucleotide-binding protein G(I)/G(S)/G(T) subunit beta-1'
4 polymer 'Guanine nucleotide-binding protein G(I)/G(S)/G(O) subunit gamma-2'
5 polymer 'Antibody fragment scFv16'
6 non-polymer 3-[2-(dimethylamino)ethyl]-1~{H}-indol-4-ol
7 non-polymer CHOLESTEROL
#
loop_
_entity_poly.entity_id
_entity_poly.type
_entity_poly.pdbx_seq_one_letter_code
_entity_poly.pdbx_strand_id
1 'polypeptide(L)'
;MVNLRNAVHSFLVHLIGLLVWQCDISVSPVAAIVTDIFNTSDGGRFKFPDGVQNWPALSIVIIIIMTIGGNILVIMAVSM
EKKLHNATNYFLMSLAIADMLVGLLVMPLSLLAILYDYVWPLPRYLCPVWISLDVLFSTASIMHLCAISLDRYVAIRNPI
EHSRFNSRTKAIMKIAIVWAISIGVSVPIPVIGLRDEEKVFVNNTTCVLNDPNFVLIGSFVAFFIPLTIMVITYCLTIYV
LRRQALMLLHGHTEEPPGLSLDFLKCCKRNTAEEENSANPNQDQNARRRKKKERRPRGTMQAINNERKASKVLGIVFFVF
LIMWCPFFITNILSVLCEKSCNQKLMEKLLNVFVWIGYVCSGINPLVYTLFNKIYRRAFSNYLRCNYKVEKKPPVRQIPR
VAATALSGRELNVNIYRHTNEPVIEKASDNEPGIEMQVENLELPVNPSSVVSERISSV
;
A
2 'polypeptide(L)'
;MGSTVSAEDKAAAERSKMIDKNLREDGEKARRTLRLLLLGADNSGKSTIVKQMRILHGGSGGSGGTSGIFETKFQVDKVN
FHMFDVGGQRDERRKWIQCFNDVTAIIFVVDSSDYNRLQEALNDFKSIWNNRWLRTISVILFLNKQDLLAEKVLAGKSKI
EDYFPEFARYTTPEDATPEPGEDPRVTRAKYFIRKEFVDISTASGDGRHICYPHFTCAVDTENARRIFNDCKDIILQMNL
REYNLV
;
B
3 'polypeptide(L)'
;MHHHHHHLEVLFQGPGSSGSELDQLRQEAEQLKNQIRDARKACADATLSQITNNIDPVGRIQMRTRRTLRGHLAKIYAMH
WGTDSRLLVSASQDGKLIIWDSYTTNKVHAIPLRSSWVMTCAYAPSGNYVACGGLDNICSIYNLKTREGNVRVSRELAGH
TGYLSCCRFLDDNQIVTSSGDTTCALWDIETGQQTTTFTGHTGDVMSLSLAPDTRLFVSGACDASAKLWDVREGMCRQTF
TGHESDINAICFFPNGNAFATGSDDATCRLFDLRADQELMTYSHDNIICGITSVSFSKSGRLLLAGYDDFNCNVWDALKA
DRAGVLAGHDNRVSCLGVTDDGMAVATGSWDSFLKIWN
;
C
4 'polypeptide(L)' MASNNTASIAQARKLVEQLKMEANIDRIKVSKAAADLMAYCEAHAKEDPLLTPVPASENPFREKKFFCAIL D
5 'polypeptide(L)'
;DVQLVESGGGLVQPGGSRKLSCSASGFAFSSFGMHWVRQAPEKGLEWVAYISSGSGTIYYADTVKGRFTISRDDPKNTLF
LQMTSLRSEDTAMYYCVRSIYYYGSSPFDFWGQGTTLTVSSGGGGSGGGGSGGGGSDIVMTQATSSVPVTPGESVSISCR
SSKSLLHSNGNTYLYWFLQRPGQSPQLLIYRMSNLASGVPDRFSGSGSGTAFTLTISRLEAEDVGVYYCMQHLEYPLTFG
AGTKLELKAAALEVLFQGPHHHHHHHH
;
E
#
loop_
_chem_comp.id
_chem_comp.type
_chem_comp.name
_chem_comp.formula
91Q non-polymer 3-[2-(dimethylamino)ethyl]-1~{H}-indol-4-ol 'C12 H16 N2 O'
CLR non-polymer CHOLESTEROL 'C27 H46 O'
#
# COMPACT_ATOMS: atom_id res chain seq x y z
N SER A 59 34.41 32.90 26.20
CA SER A 59 34.68 31.80 27.12
C SER A 59 33.46 30.91 27.28
N ILE A 60 32.44 31.42 27.96
CA ILE A 60 31.20 30.67 28.17
C ILE A 60 30.42 30.48 26.88
N VAL A 61 30.78 31.21 25.82
CA VAL A 61 30.04 31.14 24.56
C VAL A 61 30.12 29.76 23.93
N ILE A 62 31.02 28.90 24.41
CA ILE A 62 31.19 27.58 23.81
C ILE A 62 29.92 26.75 23.95
N ILE A 63 29.21 26.88 25.08
CA ILE A 63 28.02 26.07 25.30
C ILE A 63 26.92 26.40 24.29
N ILE A 64 26.89 27.63 23.79
CA ILE A 64 25.92 27.98 22.76
C ILE A 64 26.21 27.23 21.47
N ILE A 65 27.50 27.17 21.09
CA ILE A 65 27.88 26.46 19.87
C ILE A 65 27.55 24.98 19.98
N MET A 66 27.84 24.38 21.14
CA MET A 66 27.53 22.96 21.34
C MET A 66 26.03 22.72 21.30
N THR A 67 25.24 23.60 21.90
CA THR A 67 23.78 23.44 21.88
C THR A 67 23.25 23.52 20.45
N ILE A 68 23.71 24.51 19.68
CA ILE A 68 23.26 24.66 18.30
C ILE A 68 23.67 23.44 17.48
N GLY A 69 24.91 22.97 17.66
CA GLY A 69 25.36 21.81 16.91
C GLY A 69 24.56 20.56 17.24
N GLY A 70 24.28 20.34 18.52
CA GLY A 70 23.50 19.18 18.90
C GLY A 70 22.08 19.24 18.37
N ASN A 71 21.46 20.43 18.43
CA ASN A 71 20.11 20.57 17.90
C ASN A 71 20.08 20.34 16.39
N ILE A 72 21.07 20.87 15.67
CA ILE A 72 21.13 20.66 14.23
C ILE A 72 21.33 19.18 13.92
N LEU A 73 22.21 18.51 14.66
CA LEU A 73 22.43 17.08 14.44
C LEU A 73 21.17 16.27 14.71
N VAL A 74 20.44 16.60 15.77
CA VAL A 74 19.20 15.87 16.07
C VAL A 74 18.16 16.11 14.99
N ILE A 75 18.03 17.35 14.53
CA ILE A 75 17.05 17.66 13.48
C ILE A 75 17.40 16.93 12.19
N MET A 76 18.68 16.94 11.81
CA MET A 76 19.09 16.32 10.56
C MET A 76 18.98 14.80 10.61
N ALA A 77 19.24 14.19 11.77
CA ALA A 77 19.23 12.74 11.88
C ALA A 77 17.85 12.11 11.73
N VAL A 78 16.81 12.91 11.54
CA VAL A 78 15.45 12.41 11.36
C VAL A 78 15.03 12.45 9.90
N SER A 79 15.35 13.54 9.20
CA SER A 79 14.91 13.69 7.81
C SER A 79 15.73 12.81 6.87
N MET A 80 17.04 13.03 6.82
CA MET A 80 17.87 12.33 5.84
C MET A 80 17.92 10.83 6.12
N GLU A 81 18.00 10.45 7.39
CA GLU A 81 18.12 9.03 7.73
C GLU A 81 16.87 8.25 7.36
N LYS A 82 15.69 8.85 7.52
CA LYS A 82 14.41 8.20 7.28
C LYS A 82 14.28 6.90 8.08
N LYS A 83 13.30 6.07 7.71
CA LYS A 83 13.03 4.81 8.41
C LYS A 83 12.82 5.05 9.90
N LEU A 84 12.07 6.10 10.22
CA LEU A 84 11.85 6.51 11.61
C LEU A 84 10.36 6.77 11.80
N HIS A 85 9.77 6.12 12.80
CA HIS A 85 8.34 6.28 13.07
C HIS A 85 8.03 7.73 13.42
N ASN A 86 6.99 8.28 12.78
CA ASN A 86 6.65 9.67 12.98
C ASN A 86 6.21 9.94 14.42
N ALA A 87 5.37 9.07 14.98
CA ALA A 87 4.73 9.35 16.27
C ALA A 87 5.73 9.56 17.39
N THR A 88 6.90 8.93 17.31
CA THR A 88 7.89 9.02 18.38
C THR A 88 9.13 9.82 18.02
N ASN A 89 9.40 10.03 16.73
CA ASN A 89 10.58 10.77 16.30
C ASN A 89 10.27 12.19 15.84
N TYR A 90 9.02 12.51 15.52
CA TYR A 90 8.68 13.88 15.17
C TYR A 90 8.65 14.80 16.38
N PHE A 91 8.40 14.24 17.57
CA PHE A 91 8.40 15.05 18.78
C PHE A 91 9.82 15.48 19.15
N LEU A 92 10.81 14.63 18.89
CA LEU A 92 12.19 15.01 19.16
C LEU A 92 12.65 16.14 18.26
N MET A 93 12.13 16.20 17.02
CA MET A 93 12.42 17.34 16.16
C MET A 93 11.87 18.63 16.74
N SER A 94 10.65 18.60 17.29
CA SER A 94 10.10 19.78 17.93
C SER A 94 10.93 20.19 19.14
N LEU A 95 11.37 19.22 19.94
CA LEU A 95 12.23 19.54 21.09
C LEU A 95 13.54 20.17 20.65
N ALA A 96 14.15 19.62 19.59
CA ALA A 96 15.39 20.18 19.07
C ALA A 96 15.20 21.60 18.55
N ILE A 97 14.08 21.86 17.87
CA ILE A 97 13.80 23.20 17.38
C ILE A 97 13.63 24.17 18.54
N ALA A 98 12.91 23.75 19.58
CA ALA A 98 12.74 24.59 20.76
C ALA A 98 14.09 24.91 21.41
N ASP A 99 14.95 23.89 21.53
CA ASP A 99 16.26 24.12 22.13
C ASP A 99 17.12 25.05 21.28
N MET A 100 17.06 24.90 19.95
CA MET A 100 17.80 25.80 19.07
C MET A 100 17.31 27.22 19.19
N LEU A 101 15.99 27.41 19.29
CA LEU A 101 15.46 28.75 19.48
C LEU A 101 15.89 29.33 20.82
N VAL A 102 15.95 28.49 21.87
CA VAL A 102 16.51 28.93 23.14
C VAL A 102 17.93 29.45 22.94
N GLY A 103 18.76 28.64 22.28
CA GLY A 103 20.15 29.00 22.09
C GLY A 103 20.34 30.25 21.26
N LEU A 104 19.44 30.49 20.30
CA LEU A 104 19.58 31.63 19.40
C LEU A 104 18.99 32.92 19.96
N LEU A 105 17.90 32.84 20.73
CA LEU A 105 17.22 34.05 21.17
C LEU A 105 17.46 34.40 22.63
N VAL A 106 18.02 33.50 23.44
CA VAL A 106 18.17 33.73 24.88
C VAL A 106 19.64 33.87 25.26
N MET A 107 20.46 32.87 24.93
CA MET A 107 21.84 32.85 25.41
C MET A 107 22.68 34.04 24.97
N PRO A 108 22.70 34.44 23.69
CA PRO A 108 23.60 35.55 23.30
C PRO A 108 23.28 36.87 23.99
N LEU A 109 22.04 37.11 24.39
CA LEU A 109 21.67 38.39 24.99
C LEU A 109 22.05 38.48 26.46
N SER A 110 22.00 37.36 27.19
CA SER A 110 22.42 37.37 28.59
C SER A 110 23.92 37.61 28.71
N LEU A 111 24.70 37.13 27.73
CA LEU A 111 26.13 37.38 27.73
C LEU A 111 26.43 38.87 27.60
N LEU A 112 25.63 39.58 26.83
CA LEU A 112 25.78 41.04 26.73
C LEU A 112 25.59 41.69 28.09
N ALA A 113 24.56 41.26 28.83
CA ALA A 113 24.34 41.80 30.17
C ALA A 113 25.49 41.46 31.10
N ILE A 114 26.04 40.24 30.99
CA ILE A 114 27.18 39.86 31.81
C ILE A 114 28.39 40.75 31.49
N LEU A 115 28.62 41.01 30.20
CA LEU A 115 29.76 41.83 29.80
C LEU A 115 29.59 43.27 30.26
N TYR A 116 28.38 43.81 30.19
CA TYR A 116 28.16 45.22 30.53
C TYR A 116 27.85 45.43 32.00
N ASP A 117 27.28 44.42 32.67
CA ASP A 117 26.79 44.55 34.06
C ASP A 117 25.72 45.63 34.16
N TYR A 118 25.01 45.88 33.06
CA TYR A 118 23.97 46.89 32.99
C TYR A 118 22.93 46.42 31.97
N VAL A 119 22.09 47.33 31.52
CA VAL A 119 21.03 47.04 30.56
C VAL A 119 21.41 47.67 29.22
N TRP A 120 21.39 46.87 28.16
CA TRP A 120 21.64 47.34 26.79
C TRP A 120 23.00 48.00 26.66
N LEU A 126 14.61 45.53 24.77
CA LEU A 126 15.46 44.42 25.18
C LEU A 126 14.74 43.53 26.19
N CYS A 127 14.70 44.00 27.44
CA CYS A 127 14.17 43.22 28.54
C CYS A 127 12.73 42.75 28.33
N PRO A 128 11.77 43.63 28.00
CA PRO A 128 10.35 43.21 28.07
C PRO A 128 9.96 42.11 27.11
N VAL A 129 10.71 41.89 26.03
CA VAL A 129 10.41 40.80 25.11
C VAL A 129 11.39 39.66 25.25
N TRP A 130 12.65 39.93 25.63
CA TRP A 130 13.61 38.87 25.88
C TRP A 130 13.17 37.97 27.03
N ILE A 131 12.64 38.58 28.11
CA ILE A 131 12.14 37.77 29.22
C ILE A 131 11.01 36.86 28.75
N SER A 132 10.08 37.41 27.98
CA SER A 132 8.94 36.63 27.52
C SER A 132 9.38 35.48 26.64
N LEU A 133 10.32 35.73 25.72
CA LEU A 133 10.81 34.67 24.85
C LEU A 133 11.50 33.57 25.66
N ASP A 134 12.34 33.96 26.63
CA ASP A 134 13.02 32.97 27.45
C ASP A 134 12.02 32.09 28.19
N VAL A 135 11.02 32.72 28.82
CA VAL A 135 10.03 31.97 29.60
C VAL A 135 9.26 31.03 28.68
N LEU A 136 8.83 31.53 27.52
CA LEU A 136 8.07 30.71 26.58
C LEU A 136 8.85 29.47 26.17
N PHE A 137 10.10 29.65 25.75
CA PHE A 137 10.85 28.53 25.23
C PHE A 137 11.25 27.53 26.32
N SER A 138 11.59 28.02 27.52
CA SER A 138 11.88 27.10 28.62
C SER A 138 10.66 26.27 29.00
N THR A 139 9.48 26.92 29.05
CA THR A 139 8.26 26.19 29.35
C THR A 139 7.96 25.16 28.27
N ALA A 140 8.19 25.51 27.00
CA ALA A 140 7.99 24.55 25.92
C ALA A 140 8.88 23.33 26.08
N SER A 141 10.16 23.55 26.41
CA SER A 141 11.08 22.42 26.59
C SER A 141 10.64 21.52 27.74
N ILE A 142 10.25 22.12 28.87
CA ILE A 142 9.81 21.32 30.01
C ILE A 142 8.56 20.52 29.66
N MET A 143 7.62 21.14 28.94
CA MET A 143 6.42 20.42 28.53
C MET A 143 6.76 19.27 27.60
N HIS A 144 7.75 19.46 26.72
CA HIS A 144 8.18 18.36 25.85
C HIS A 144 8.72 17.19 26.67
N LEU A 145 9.55 17.49 27.68
CA LEU A 145 10.08 16.41 28.51
C LEU A 145 8.97 15.67 29.26
N CYS A 146 8.01 16.42 29.81
CA CYS A 146 6.91 15.79 30.54
C CYS A 146 6.06 14.93 29.59
N ALA A 147 5.80 15.42 28.39
CA ALA A 147 5.03 14.65 27.42
C ALA A 147 5.75 13.36 27.04
N ILE A 148 7.07 13.43 26.86
CA ILE A 148 7.84 12.23 26.55
C ILE A 148 7.74 11.22 27.69
N SER A 149 7.86 11.69 28.93
CA SER A 149 7.76 10.77 30.08
C SER A 149 6.38 10.11 30.13
N LEU A 150 5.32 10.89 29.97
CA LEU A 150 3.98 10.33 30.01
C LEU A 150 3.77 9.32 28.88
N ASP A 151 4.27 9.63 27.68
CA ASP A 151 4.09 8.73 26.56
C ASP A 151 4.89 7.44 26.75
N ARG A 152 6.08 7.54 27.34
CA ARG A 152 6.84 6.34 27.66
C ARG A 152 6.07 5.45 28.63
N TYR A 153 5.50 6.05 29.68
CA TYR A 153 4.75 5.24 30.63
C TYR A 153 3.56 4.57 29.97
N VAL A 154 2.81 5.31 29.14
CA VAL A 154 1.64 4.75 28.50
C VAL A 154 2.03 3.63 27.54
N ALA A 155 3.11 3.83 26.78
CA ALA A 155 3.56 2.80 25.84
C ALA A 155 4.10 1.57 26.54
N ILE A 156 4.60 1.72 27.76
CA ILE A 156 5.13 0.55 28.46
C ILE A 156 4.02 -0.23 29.17
N ARG A 157 3.06 0.45 29.79
CA ARG A 157 2.09 -0.31 30.58
C ARG A 157 1.05 -1.02 29.72
N ASN A 158 0.67 -0.43 28.58
CA ASN A 158 -0.37 -0.97 27.70
C ASN A 158 0.15 -1.07 26.27
N PRO A 159 0.99 -2.08 25.98
CA PRO A 159 1.61 -2.15 24.65
C PRO A 159 0.64 -2.26 23.49
N ILE A 160 -0.41 -3.08 23.62
CA ILE A 160 -1.29 -3.35 22.48
C ILE A 160 -2.13 -2.12 22.15
N GLU A 161 -2.70 -1.50 23.17
CA GLU A 161 -3.53 -0.31 22.94
C GLU A 161 -2.69 0.83 22.37
N HIS A 162 -1.48 1.00 22.89
CA HIS A 162 -0.59 2.02 22.35
C HIS A 162 -0.24 1.74 20.89
N SER A 163 0.05 0.48 20.57
CA SER A 163 0.37 0.12 19.19
C SER A 163 -0.81 0.39 18.27
N ARG A 164 -2.04 0.11 18.73
CA ARG A 164 -3.22 0.43 17.93
C ARG A 164 -3.40 1.94 17.79
N PHE A 165 -3.04 2.70 18.83
CA PHE A 165 -3.30 4.14 18.85
C PHE A 165 -2.33 4.95 18.00
N ASN A 166 -1.09 4.47 17.85
CA ASN A 166 -0.03 5.24 17.21
C ASN A 166 -0.43 5.72 15.82
N SER A 167 -0.40 7.04 15.62
CA SER A 167 -0.67 7.65 14.33
C SER A 167 -0.15 9.08 14.36
N ARG A 168 -0.13 9.71 13.19
CA ARG A 168 0.32 11.10 13.10
C ARG A 168 -0.63 12.07 13.79
N THR A 169 -1.89 11.66 13.99
CA THR A 169 -2.86 12.51 14.69
C THR A 169 -2.58 12.60 16.18
N LYS A 170 -1.67 11.78 16.70
CA LYS A 170 -1.21 11.93 18.07
C LYS A 170 -0.01 12.87 18.15
N ALA A 171 0.92 12.76 17.21
CA ALA A 171 2.06 13.67 17.17
C ALA A 171 1.61 15.10 16.94
N ILE A 172 0.69 15.30 15.99
CA ILE A 172 0.21 16.64 15.69
C ILE A 172 -0.53 17.21 16.89
N MET A 173 -1.37 16.40 17.54
CA MET A 173 -2.10 16.86 18.72
C MET A 173 -1.16 17.22 19.86
N LYS A 174 -0.14 16.39 20.10
CA LYS A 174 0.80 16.65 21.18
C LYS A 174 1.58 17.94 20.92
N ILE A 175 2.05 18.12 19.68
CA ILE A 175 2.79 19.34 19.36
C ILE A 175 1.89 20.56 19.53
N ALA A 176 0.65 20.47 19.04
CA ALA A 176 -0.28 21.60 19.18
C ALA A 176 -0.53 21.92 20.65
N ILE A 177 -0.73 20.90 21.49
CA ILE A 177 -1.03 21.14 22.90
C ILE A 177 0.16 21.76 23.61
N VAL A 178 1.37 21.24 23.39
CA VAL A 178 2.53 21.76 24.09
C VAL A 178 2.83 23.19 23.66
N TRP A 179 2.69 23.48 22.36
CA TRP A 179 2.97 24.84 21.91
C TRP A 179 1.87 25.81 22.31
N ALA A 180 0.62 25.33 22.44
CA ALA A 180 -0.44 26.20 22.92
C ALA A 180 -0.25 26.54 24.41
N ILE A 181 0.16 25.56 25.21
CA ILE A 181 0.38 25.82 26.63
C ILE A 181 1.63 26.68 26.82
N SER A 182 2.63 26.52 25.96
CA SER A 182 3.88 27.25 26.13
C SER A 182 3.67 28.76 26.01
N ILE A 183 2.81 29.19 25.10
CA ILE A 183 2.67 30.63 24.83
C ILE A 183 1.79 31.33 25.86
N GLY A 184 1.03 30.58 26.67
CA GLY A 184 0.13 31.22 27.61
C GLY A 184 0.84 32.05 28.66
N VAL A 185 2.00 31.60 29.11
CA VAL A 185 2.67 32.26 30.22
C VAL A 185 3.48 33.48 29.79
N SER A 186 3.76 33.65 28.49
CA SER A 186 4.62 34.73 28.03
C SER A 186 3.86 35.93 27.49
N VAL A 187 2.55 35.81 27.28
CA VAL A 187 1.78 36.93 26.73
C VAL A 187 1.78 38.15 27.65
N PRO A 188 1.48 38.04 28.96
CA PRO A 188 1.38 39.25 29.77
C PRO A 188 2.71 39.91 30.09
N ILE A 189 3.85 39.27 29.79
CA ILE A 189 5.15 39.85 30.13
C ILE A 189 5.39 41.18 29.43
N PRO A 190 5.19 41.32 28.11
CA PRO A 190 5.29 42.64 27.49
C PRO A 190 4.10 43.54 27.79
N VAL A 191 2.93 42.97 28.09
CA VAL A 191 1.76 43.79 28.38
C VAL A 191 1.97 44.58 29.66
N ILE A 192 2.47 43.93 30.71
CA ILE A 192 2.71 44.62 31.97
C ILE A 192 3.97 45.49 31.89
N GLY A 193 5.02 44.98 31.24
CA GLY A 193 6.27 45.70 31.20
C GLY A 193 6.18 47.04 30.49
N LEU A 194 5.44 47.08 29.38
CA LEU A 194 5.32 48.33 28.61
C LEU A 194 4.44 49.36 29.29
N ARG A 195 3.66 48.96 30.30
CA ARG A 195 2.84 49.90 31.07
C ARG A 195 3.36 50.13 32.47
N ASP A 196 4.46 49.49 32.86
CA ASP A 196 5.04 49.67 34.19
C ASP A 196 6.54 49.39 34.08
N GLU A 197 7.33 50.46 34.01
CA GLU A 197 8.78 50.31 33.89
C GLU A 197 9.38 49.64 35.12
N GLU A 198 8.87 49.96 36.30
CA GLU A 198 9.42 49.41 37.54
C GLU A 198 9.26 47.90 37.60
N LYS A 199 8.24 47.35 36.95
CA LYS A 199 8.02 45.90 36.98
C LYS A 199 9.14 45.14 36.30
N VAL A 200 9.84 45.76 35.34
CA VAL A 200 10.89 45.08 34.61
C VAL A 200 12.26 45.68 34.85
N PHE A 201 12.37 46.91 35.37
CA PHE A 201 13.66 47.52 35.69
C PHE A 201 13.70 47.82 37.18
N VAL A 202 14.74 47.33 37.85
CA VAL A 202 14.93 47.53 39.28
C VAL A 202 16.29 48.16 39.51
N ASN A 203 16.31 49.28 40.23
CA ASN A 203 17.55 50.00 40.55
C ASN A 203 18.36 50.33 39.30
N THR A 206 20.15 45.53 35.30
CA THR A 206 18.97 46.04 35.99
C THR A 206 17.69 45.49 35.35
N CYS A 207 17.85 44.46 34.53
CA CYS A 207 16.73 43.79 33.87
C CYS A 207 16.41 42.52 34.64
N VAL A 208 15.30 42.53 35.37
CA VAL A 208 14.88 41.40 36.19
C VAL A 208 13.39 41.54 36.47
N LEU A 209 12.68 40.41 36.44
CA LEU A 209 11.25 40.40 36.71
C LEU A 209 11.04 40.51 38.22
N ASN A 210 10.52 41.65 38.67
CA ASN A 210 10.38 41.92 40.09
C ASN A 210 9.02 41.53 40.65
N ASP A 211 7.98 41.54 39.83
CA ASP A 211 6.61 41.41 40.33
C ASP A 211 6.37 40.03 40.92
N PRO A 212 6.02 39.92 42.20
CA PRO A 212 5.67 38.60 42.76
C PRO A 212 4.42 37.99 42.13
N ASN A 213 3.52 38.82 41.59
CA ASN A 213 2.26 38.32 41.06
C ASN A 213 2.44 37.38 39.89
N PHE A 214 3.62 37.39 39.26
CA PHE A 214 3.97 36.45 38.21
C PHE A 214 4.96 35.39 38.66
N VAL A 215 5.94 35.78 39.47
CA VAL A 215 6.96 34.86 39.97
C VAL A 215 6.32 33.75 40.80
N LEU A 216 5.38 34.11 41.67
CA LEU A 216 4.78 33.13 42.57
C LEU A 216 3.59 32.41 41.95
N ILE A 217 3.23 32.72 40.71
CA ILE A 217 2.07 32.14 40.04
C ILE A 217 2.48 31.27 38.86
N GLY A 218 3.22 31.83 37.91
CA GLY A 218 3.58 31.06 36.73
C GLY A 218 4.65 30.03 36.97
N SER A 219 5.46 30.19 38.02
CA SER A 219 6.53 29.24 38.30
C SER A 219 5.99 27.86 38.64
N PHE A 220 4.88 27.80 39.39
CA PHE A 220 4.30 26.50 39.72
C PHE A 220 3.83 25.77 38.48
N VAL A 221 3.14 26.47 37.58
CA VAL A 221 2.65 25.85 36.35
C VAL A 221 3.81 25.45 35.45
N ALA A 222 4.88 26.25 35.43
CA ALA A 222 6.00 25.95 34.54
C ALA A 222 6.84 24.77 35.04
N PHE A 223 7.06 24.66 36.34
CA PHE A 223 8.01 23.68 36.86
C PHE A 223 7.39 22.67 37.82
N PHE A 224 6.61 23.12 38.80
CA PHE A 224 6.37 22.29 39.97
C PHE A 224 5.37 21.17 39.72
N ILE A 225 4.39 21.37 38.84
CA ILE A 225 3.44 20.31 38.51
C ILE A 225 4.08 19.28 37.60
N PRO A 226 4.80 19.67 36.54
CA PRO A 226 5.52 18.66 35.74
C PRO A 226 6.49 17.83 36.56
N LEU A 227 7.12 18.40 37.59
CA LEU A 227 8.02 17.61 38.42
C LEU A 227 7.29 16.48 39.13
N THR A 228 6.12 16.77 39.70
CA THR A 228 5.33 15.73 40.34
C THR A 228 4.87 14.69 39.34
N ILE A 229 4.42 15.14 38.16
CA ILE A 229 4.00 14.19 37.13
C ILE A 229 5.15 13.28 36.75
N MET A 230 6.34 13.84 36.55
CA MET A 230 7.50 13.06 36.13
C MET A 230 7.94 12.08 37.21
N VAL A 231 7.94 12.50 38.48
CA VAL A 231 8.39 11.58 39.53
C VAL A 231 7.39 10.44 39.70
N ILE A 232 6.08 10.74 39.65
CA ILE A 232 5.08 9.68 39.74
C ILE A 232 5.22 8.72 38.56
N THR A 233 5.41 9.27 37.35
CA THR A 233 5.56 8.44 36.16
C THR A 233 6.79 7.55 36.28
N TYR A 234 7.91 8.09 36.76
CA TYR A 234 9.12 7.31 36.91
C TYR A 234 8.92 6.17 37.90
N CYS A 235 8.30 6.47 39.05
CA CYS A 235 8.07 5.42 40.04
C CYS A 235 7.18 4.32 39.49
N LEU A 236 6.09 4.70 38.81
CA LEU A 236 5.18 3.70 38.25
C LEU A 236 5.87 2.87 37.17
N THR A 237 6.66 3.51 36.31
CA THR A 237 7.35 2.77 35.26
C THR A 237 8.39 1.81 35.82
N ILE A 238 9.12 2.24 36.86
CA ILE A 238 10.09 1.36 37.50
C ILE A 238 9.38 0.16 38.11
N TYR A 239 8.26 0.39 38.80
CA TYR A 239 7.51 -0.72 39.38
C TYR A 239 7.01 -1.68 38.31
N VAL A 240 6.48 -1.15 37.21
CA VAL A 240 5.93 -1.99 36.14
C VAL A 240 7.04 -2.82 35.50
N LEU A 241 8.19 -2.21 35.22
CA LEU A 241 9.31 -2.96 34.64
C LEU A 241 9.82 -4.01 35.60
N ARG A 242 9.85 -3.72 36.91
CA ARG A 242 10.27 -4.72 37.88
C ARG A 242 9.29 -5.89 37.94
N ARG A 243 7.99 -5.61 37.85
CA ARG A 243 7.00 -6.67 37.95
C ARG A 243 7.02 -7.58 36.72
N GLN A 244 7.24 -7.01 35.54
CA GLN A 244 7.16 -7.79 34.31
C GLN A 244 8.28 -8.83 34.23
N ALA A 245 9.48 -8.49 34.72
CA ALA A 245 10.63 -9.36 34.57
C ALA A 245 10.51 -10.68 35.32
N LEU A 246 9.56 -10.81 36.25
CA LEU A 246 9.40 -12.05 37.00
C LEU A 246 8.83 -13.19 36.16
N MET A 247 8.33 -12.90 34.96
CA MET A 247 7.76 -13.93 34.10
C MET A 247 8.86 -14.62 33.29
N MET A 300 18.11 -14.91 30.06
CA MET A 300 17.28 -14.71 28.88
C MET A 300 17.31 -13.25 28.44
N GLN A 301 17.35 -13.03 27.12
CA GLN A 301 17.41 -11.67 26.60
C GLN A 301 16.15 -10.87 26.93
N ALA A 302 15.03 -11.56 27.15
CA ALA A 302 13.80 -10.87 27.53
C ALA A 302 13.93 -10.17 28.88
N ILE A 303 14.78 -10.70 29.76
CA ILE A 303 14.95 -10.13 31.10
C ILE A 303 16.05 -9.07 31.12
N ASN A 304 17.15 -9.30 30.38
CA ASN A 304 18.27 -8.36 30.40
C ASN A 304 17.89 -7.01 29.82
N ASN A 305 17.05 -6.98 28.78
CA ASN A 305 16.69 -5.73 28.14
C ASN A 305 15.83 -4.83 29.01
N GLU A 306 15.15 -5.38 30.01
CA GLU A 306 14.24 -4.60 30.84
C GLU A 306 14.94 -3.88 31.98
N ARG A 307 16.25 -4.04 32.13
CA ARG A 307 17.02 -3.32 33.13
C ARG A 307 17.74 -2.11 32.57
N LYS A 308 18.24 -2.21 31.33
CA LYS A 308 18.85 -1.06 30.68
C LYS A 308 17.86 0.08 30.53
N ALA A 309 16.59 -0.24 30.28
CA ALA A 309 15.55 0.78 30.23
C ALA A 309 15.43 1.51 31.56
N SER A 310 15.45 0.76 32.67
CA SER A 310 15.39 1.39 33.99
C SER A 310 16.61 2.26 34.23
N LYS A 311 17.79 1.79 33.82
CA LYS A 311 19.00 2.59 33.97
C LYS A 311 18.89 3.91 33.22
N VAL A 312 18.43 3.86 31.96
CA VAL A 312 18.31 5.07 31.15
C VAL A 312 17.27 6.01 31.76
N LEU A 313 16.14 5.47 32.19
CA LEU A 313 15.09 6.31 32.78
C LEU A 313 15.59 7.00 34.04
N GLY A 314 16.31 6.27 34.90
CA GLY A 314 16.87 6.88 36.09
C GLY A 314 17.87 7.97 35.76
N ILE A 315 18.75 7.70 34.79
CA ILE A 315 19.75 8.70 34.40
C ILE A 315 19.05 9.98 33.93
N VAL A 316 18.04 9.83 33.06
CA VAL A 316 17.36 11.00 32.51
C VAL A 316 16.65 11.78 33.61
N PHE A 317 15.93 11.06 34.47
CA PHE A 317 15.18 11.74 35.53
C PHE A 317 16.11 12.49 36.48
N PHE A 318 17.21 11.86 36.88
CA PHE A 318 18.12 12.53 37.81
C PHE A 318 18.86 13.68 37.15
N VAL A 319 19.21 13.56 35.87
CA VAL A 319 19.82 14.69 35.17
C VAL A 319 18.87 15.88 35.14
N PHE A 320 17.60 15.63 34.78
CA PHE A 320 16.61 16.70 34.76
C PHE A 320 16.47 17.35 36.13
N LEU A 321 16.34 16.53 37.17
CA LEU A 321 16.15 17.06 38.52
C LEU A 321 17.34 17.91 38.95
N ILE A 322 18.56 17.41 38.71
CA ILE A 322 19.75 18.13 39.13
C ILE A 322 19.88 19.45 38.38
N MET A 323 19.64 19.42 37.06
CA MET A 323 19.85 20.63 36.27
C MET A 323 18.79 21.70 36.54
N TRP A 324 17.54 21.30 36.83
CA TRP A 324 16.48 22.30 36.94
C TRP A 324 16.12 22.69 38.37
N CYS A 325 16.39 21.84 39.37
CA CYS A 325 15.89 22.10 40.72
C CYS A 325 16.37 23.40 41.35
N PRO A 326 17.68 23.71 41.39
CA PRO A 326 18.13 24.84 42.23
C PRO A 326 17.51 26.20 41.89
N PHE A 327 17.32 26.47 40.59
CA PHE A 327 16.95 27.82 40.18
C PHE A 327 15.59 28.25 40.73
N PHE A 328 14.59 27.36 40.64
CA PHE A 328 13.26 27.73 41.09
C PHE A 328 13.18 27.84 42.62
N ILE A 329 13.92 26.99 43.33
CA ILE A 329 13.97 27.11 44.79
C ILE A 329 14.57 28.46 45.19
N THR A 330 15.68 28.84 44.53
CA THR A 330 16.30 30.13 44.82
C THR A 330 15.34 31.26 44.49
N ASN A 331 14.62 31.16 43.36
CA ASN A 331 13.72 32.21 42.95
C ASN A 331 12.54 32.35 43.90
N ILE A 332 12.03 31.24 44.44
CA ILE A 332 10.94 31.31 45.40
C ILE A 332 11.43 31.90 46.72
N LEU A 333 12.61 31.49 47.18
CA LEU A 333 13.15 32.02 48.42
C LEU A 333 13.47 33.51 48.31
N SER A 334 13.87 33.96 47.13
CA SER A 334 14.18 35.38 46.94
C SER A 334 12.94 36.26 47.06
N VAL A 335 11.74 35.69 47.02
CA VAL A 335 10.50 36.44 47.07
C VAL A 335 9.78 36.23 48.40
N LEU A 336 9.56 34.98 48.80
CA LEU A 336 8.76 34.68 49.98
C LEU A 336 9.53 34.74 51.29
N CYS A 337 10.85 34.77 51.25
CA CYS A 337 11.66 34.82 52.46
C CYS A 337 12.21 36.21 52.75
N GLU A 338 11.73 37.23 52.05
CA GLU A 338 12.19 38.60 52.27
C GLU A 338 11.01 39.54 52.49
N CYS A 341 17.24 37.31 55.13
CA CYS A 341 17.60 36.96 53.77
C CYS A 341 18.30 38.12 53.07
N ASN A 342 19.52 37.88 52.61
CA ASN A 342 20.33 38.91 51.95
C ASN A 342 20.02 38.88 50.45
N GLN A 343 19.46 39.98 49.94
CA GLN A 343 19.12 40.04 48.53
C GLN A 343 20.36 40.00 47.64
N LYS A 344 21.48 40.55 48.12
CA LYS A 344 22.71 40.51 47.33
C LYS A 344 23.18 39.08 47.10
N LEU A 345 23.16 38.26 48.15
CA LEU A 345 23.54 36.86 47.99
C LEU A 345 22.56 36.13 47.09
N MET A 346 21.27 36.43 47.21
CA MET A 346 20.27 35.77 46.38
C MET A 346 20.47 36.10 44.90
N GLU A 347 20.73 37.37 44.57
CA GLU A 347 20.95 37.72 43.18
C GLU A 347 22.27 37.17 42.67
N LYS A 348 23.29 37.09 43.55
CA LYS A 348 24.54 36.47 43.16
C LYS A 348 24.34 34.99 42.82
N LEU A 349 23.51 34.29 43.60
CA LEU A 349 23.21 32.89 43.30
C LEU A 349 22.40 32.76 42.02
N LEU A 350 21.45 33.68 41.79
CA LEU A 350 20.65 33.63 40.58
C LEU A 350 21.49 33.89 39.33
N ASN A 351 22.52 34.73 39.45
CA ASN A 351 23.36 35.03 38.29
C ASN A 351 24.11 33.81 37.78
N VAL A 352 24.25 32.76 38.59
CA VAL A 352 25.02 31.58 38.18
C VAL A 352 24.13 30.36 38.06
N PHE A 353 22.99 30.37 38.75
CA PHE A 353 22.07 29.23 38.66
C PHE A 353 21.29 29.24 37.34
N VAL A 354 20.96 30.43 36.83
CA VAL A 354 20.16 30.52 35.61
C VAL A 354 20.91 29.95 34.40
N TRP A 355 22.25 29.97 34.43
CA TRP A 355 23.01 29.42 33.32
C TRP A 355 23.01 27.89 33.29
N ILE A 356 22.78 27.25 34.44
CA ILE A 356 22.66 25.79 34.46
C ILE A 356 21.41 25.35 33.71
N GLY A 357 20.31 26.10 33.89
CA GLY A 357 19.10 25.82 33.12
C GLY A 357 19.31 25.98 31.63
N TYR A 358 20.15 26.94 31.23
CA TYR A 358 20.47 27.09 29.82
C TYR A 358 21.32 25.92 29.33
N VAL A 359 22.24 25.43 30.17
CA VAL A 359 23.12 24.34 29.76
C VAL A 359 22.32 23.08 29.46
N CYS A 360 21.28 22.81 30.25
CA CYS A 360 20.46 21.63 30.00
C CYS A 360 19.44 21.90 28.90
N SER A 361 19.94 22.40 27.77
CA SER A 361 19.17 22.53 26.55
C SER A 361 19.87 21.88 25.37
N GLY A 362 21.17 21.65 25.45
CA GLY A 362 21.92 20.84 24.52
C GLY A 362 22.23 19.45 25.01
N ILE A 363 21.82 19.11 26.23
CA ILE A 363 22.03 17.78 26.79
C ILE A 363 20.81 16.90 26.62
N ASN A 364 19.62 17.46 26.82
CA ASN A 364 18.39 16.72 26.53
C ASN A 364 18.33 16.19 25.10
N PRO A 365 18.70 16.95 24.06
CA PRO A 365 18.71 16.35 22.72
C PRO A 365 19.71 15.21 22.57
N LEU A 366 20.69 15.09 23.45
CA LEU A 366 21.67 14.01 23.37
C LEU A 366 21.25 12.78 24.16
N VAL A 367 21.02 12.94 25.47
CA VAL A 367 20.74 11.79 26.33
C VAL A 367 19.50 11.03 25.89
N TYR A 368 18.59 11.68 25.17
CA TYR A 368 17.43 11.02 24.59
C TYR A 368 17.73 10.36 23.25
N THR A 369 18.95 10.50 22.73
CA THR A 369 19.26 10.08 21.37
C THR A 369 20.35 9.04 21.27
N LEU A 370 21.50 9.25 21.91
CA LEU A 370 22.67 8.41 21.64
C LEU A 370 22.65 7.11 22.45
N PHE A 371 21.50 6.42 22.43
CA PHE A 371 21.40 5.09 22.98
C PHE A 371 20.92 4.06 21.98
N ASN A 372 20.31 4.47 20.88
CA ASN A 372 19.99 3.58 19.77
C ASN A 372 21.16 3.56 18.80
N LYS A 373 21.57 2.35 18.40
CA LYS A 373 22.73 2.20 17.52
C LYS A 373 22.53 2.94 16.21
N ILE A 374 21.28 3.08 15.75
CA ILE A 374 21.01 3.80 14.51
C ILE A 374 21.44 5.26 14.64
N TYR A 375 21.08 5.90 15.74
CA TYR A 375 21.45 7.29 15.95
C TYR A 375 22.96 7.44 16.11
N ARG A 376 23.61 6.50 16.79
CA ARG A 376 25.07 6.57 16.93
C ARG A 376 25.74 6.46 15.57
N ARG A 377 25.29 5.54 14.73
CA ARG A 377 25.87 5.40 13.40
C ARG A 377 25.61 6.63 12.55
N ALA A 378 24.40 7.18 12.61
CA ALA A 378 24.09 8.37 11.84
C ALA A 378 24.93 9.56 12.27
N PHE A 379 25.12 9.74 13.58
CA PHE A 379 25.96 10.83 14.07
C PHE A 379 27.41 10.62 13.68
N SER A 380 27.90 9.38 13.77
CA SER A 380 29.29 9.11 13.40
C SER A 380 29.54 9.38 11.93
N ASN A 381 28.61 8.98 11.06
CA ASN A 381 28.81 9.17 9.63
C ASN A 381 28.60 10.62 9.21
N TYR A 382 27.60 11.29 9.79
CA TYR A 382 27.32 12.67 9.41
C TYR A 382 28.39 13.62 9.92
N LEU A 383 28.79 13.47 11.17
CA LEU A 383 29.80 14.34 11.76
C LEU A 383 31.20 13.78 11.56
N VAL B 5 -12.82 22.50 -14.71
CA VAL B 5 -13.00 21.14 -15.18
C VAL B 5 -14.48 20.85 -15.43
N SER B 6 -14.76 19.81 -16.20
CA SER B 6 -16.14 19.45 -16.51
C SER B 6 -16.82 18.84 -15.29
N ALA B 7 -18.16 18.86 -15.31
CA ALA B 7 -18.94 18.34 -14.20
C ALA B 7 -18.68 16.84 -14.00
N GLU B 8 -18.45 16.10 -15.09
CA GLU B 8 -18.18 14.67 -14.96
C GLU B 8 -16.88 14.40 -14.24
N ASP B 9 -15.87 15.25 -14.43
CA ASP B 9 -14.63 15.09 -13.68
C ASP B 9 -14.84 15.38 -12.20
N LYS B 10 -15.69 16.34 -11.87
CA LYS B 10 -16.01 16.59 -10.46
C LYS B 10 -16.75 15.40 -9.84
N ALA B 11 -17.69 14.82 -10.59
CA ALA B 11 -18.39 13.63 -10.08
C ALA B 11 -17.43 12.46 -9.92
N ALA B 12 -16.48 12.30 -10.85
CA ALA B 12 -15.47 11.25 -10.71
C ALA B 12 -14.60 11.50 -9.48
N ALA B 13 -14.27 12.77 -9.21
CA ALA B 13 -13.50 13.10 -8.02
C ALA B 13 -14.28 12.76 -6.75
N GLU B 14 -15.58 13.03 -6.75
CA GLU B 14 -16.42 12.66 -5.60
C GLU B 14 -16.44 11.14 -5.42
N ARG B 15 -16.56 10.40 -6.52
CA ARG B 15 -16.53 8.94 -6.44
C ARG B 15 -15.20 8.45 -5.90
N SER B 16 -14.09 9.04 -6.35
CA SER B 16 -12.78 8.67 -5.86
C SER B 16 -12.64 8.98 -4.37
N LYS B 17 -13.17 10.11 -3.93
CA LYS B 17 -13.13 10.45 -2.51
C LYS B 17 -13.92 9.45 -1.68
N MET B 18 -15.09 9.04 -2.16
CA MET B 18 -15.87 8.03 -1.44
C MET B 18 -15.13 6.69 -1.40
N ILE B 19 -14.48 6.32 -2.51
CA ILE B 19 -13.71 5.08 -2.53
C ILE B 19 -12.56 5.15 -1.53
N ASP B 20 -11.87 6.29 -1.47
CA ASP B 20 -10.80 6.46 -0.50
C ASP B 20 -11.32 6.37 0.93
N LYS B 21 -12.48 6.97 1.20
CA LYS B 21 -13.07 6.88 2.53
C LYS B 21 -13.39 5.43 2.88
N ASN B 22 -13.95 4.68 1.93
CA ASN B 22 -14.27 3.27 2.20
C ASN B 22 -13.01 2.43 2.39
N LEU B 23 -11.95 2.73 1.66
CA LEU B 23 -10.68 2.03 1.89
C LEU B 23 -10.11 2.35 3.27
N ARG B 24 -10.18 3.62 3.68
CA ARG B 24 -9.65 4.02 4.98
C ARG B 24 -10.46 3.40 6.11
N GLU B 25 -11.78 3.28 5.95
CA GLU B 25 -12.61 2.70 6.99
C GLU B 25 -12.26 1.24 7.25
N ASP B 26 -11.97 0.48 6.18
CA ASP B 26 -11.71 -0.95 6.34
C ASP B 26 -10.38 -1.21 7.04
N GLY B 27 -9.40 -0.33 6.86
CA GLY B 27 -8.08 -0.57 7.44
C GLY B 27 -8.06 -0.59 8.95
N GLU B 28 -8.99 0.13 9.59
CA GLU B 28 -9.00 0.19 11.04
C GLU B 28 -9.29 -1.17 11.67
N LYS B 29 -10.21 -1.93 11.08
CA LYS B 29 -10.56 -3.22 11.65
C LYS B 29 -9.46 -4.26 11.45
N ALA B 30 -8.69 -4.15 10.36
CA ALA B 30 -7.64 -5.12 10.09
C ALA B 30 -6.53 -5.06 11.13
N ARG B 31 -6.20 -3.85 11.59
CA ARG B 31 -5.06 -3.68 12.49
C ARG B 31 -5.32 -4.18 13.90
N ARG B 32 -6.56 -4.56 14.22
CA ARG B 32 -6.89 -5.02 15.58
C ARG B 32 -6.78 -6.52 15.74
N THR B 33 -6.35 -7.25 14.71
CA THR B 33 -6.19 -8.69 14.76
C THR B 33 -4.72 -9.04 14.59
N LEU B 34 -4.21 -9.90 15.47
CA LEU B 34 -2.83 -10.35 15.39
C LEU B 34 -2.76 -11.66 14.60
N ARG B 35 -1.76 -11.77 13.75
CA ARG B 35 -1.61 -12.90 12.85
C ARG B 35 -0.44 -13.78 13.27
N LEU B 36 -0.67 -15.10 13.26
CA LEU B 36 0.34 -16.07 13.65
C LEU B 36 0.49 -17.12 12.55
N LEU B 37 1.71 -17.64 12.41
CA LEU B 37 2.01 -18.70 11.46
C LEU B 37 2.33 -19.97 12.22
N LEU B 38 1.75 -21.08 11.78
CA LEU B 38 1.92 -22.38 12.42
C LEU B 38 2.68 -23.32 11.50
N LEU B 39 3.84 -23.79 11.97
CA LEU B 39 4.67 -24.71 11.22
C LEU B 39 4.98 -25.94 12.06
N GLY B 40 5.20 -27.05 11.38
CA GLY B 40 5.55 -28.29 12.06
C GLY B 40 5.47 -29.46 11.11
N ALA B 41 6.08 -30.56 11.54
CA ALA B 41 6.08 -31.79 10.76
C ALA B 41 4.92 -32.68 11.20
N ASP B 42 4.69 -33.74 10.43
CA ASP B 42 3.65 -34.69 10.74
C ASP B 42 3.96 -35.41 12.05
N ASN B 43 2.90 -35.87 12.73
CA ASN B 43 2.91 -36.57 14.01
C ASN B 43 3.26 -35.65 15.17
N SER B 44 3.47 -34.36 14.93
CA SER B 44 3.79 -33.42 16.01
C SER B 44 2.55 -32.96 16.77
N GLY B 45 1.36 -33.05 16.17
CA GLY B 45 0.15 -32.64 16.86
C GLY B 45 -0.17 -31.17 16.73
N LYS B 46 0.01 -30.62 15.52
CA LYS B 46 -0.22 -29.21 15.30
C LYS B 46 -1.67 -28.83 15.54
N SER B 47 -2.60 -29.66 15.09
CA SER B 47 -4.02 -29.31 15.12
C SER B 47 -4.60 -29.26 16.52
N THR B 48 -3.88 -29.74 17.54
CA THR B 48 -4.41 -29.85 18.89
C THR B 48 -3.76 -28.88 19.88
N ILE B 49 -2.84 -28.03 19.42
CA ILE B 49 -2.19 -27.10 20.35
C ILE B 49 -3.15 -26.05 20.88
N VAL B 50 -4.18 -25.68 20.13
CA VAL B 50 -5.13 -24.67 20.56
C VAL B 50 -6.57 -25.22 20.56
N LYS B 51 -6.71 -26.53 20.66
CA LYS B 51 -8.03 -27.15 20.66
C LYS B 51 -8.34 -27.76 22.03
N GLY B 68 -6.38 -24.85 0.41
CA GLY B 68 -4.97 -24.51 0.37
C GLY B 68 -4.41 -24.08 1.71
N ILE B 69 -5.09 -23.14 2.35
CA ILE B 69 -4.69 -22.62 3.65
C ILE B 69 -5.82 -22.87 4.63
N PHE B 70 -5.51 -23.49 5.76
CA PHE B 70 -6.46 -23.71 6.84
C PHE B 70 -6.33 -22.58 7.85
N GLU B 71 -7.46 -22.13 8.38
CA GLU B 71 -7.51 -20.98 9.27
C GLU B 71 -8.31 -21.31 10.53
N THR B 72 -7.95 -20.65 11.62
CA THR B 72 -8.66 -20.79 12.88
C THR B 72 -8.60 -19.46 13.62
N LYS B 73 -9.57 -19.23 14.49
CA LYS B 73 -9.66 -18.00 15.26
C LYS B 73 -9.95 -18.31 16.71
N PHE B 74 -9.36 -17.52 17.60
CA PHE B 74 -9.63 -17.62 19.03
C PHE B 74 -9.36 -16.27 19.67
N GLN B 75 -9.94 -16.07 20.86
CA GLN B 75 -9.86 -14.80 21.56
C GLN B 75 -9.50 -15.03 23.01
N VAL B 76 -8.53 -14.29 23.51
CA VAL B 76 -8.12 -14.33 24.91
C VAL B 76 -8.02 -12.89 25.41
N ASP B 77 -8.75 -12.58 26.48
CA ASP B 77 -8.71 -11.26 27.12
C ASP B 77 -8.99 -10.14 26.13
N LYS B 78 -10.03 -10.33 25.32
CA LYS B 78 -10.52 -9.35 24.35
C LYS B 78 -9.51 -9.04 23.26
N VAL B 79 -8.57 -9.94 23.00
CA VAL B 79 -7.59 -9.79 21.93
C VAL B 79 -7.78 -10.92 20.94
N ASN B 80 -8.00 -10.57 19.67
CA ASN B 80 -8.28 -11.55 18.64
C ASN B 80 -7.00 -12.02 17.97
N PHE B 81 -6.95 -13.31 17.69
CA PHE B 81 -5.81 -13.93 17.01
C PHE B 81 -6.29 -14.67 15.77
N HIS B 82 -5.42 -14.71 14.76
CA HIS B 82 -5.70 -15.40 13.50
C HIS B 82 -4.48 -16.23 13.12
N MET B 83 -4.64 -17.54 13.09
CA MET B 83 -3.53 -18.46 12.83
C MET B 83 -3.73 -19.16 11.49
N PHE B 84 -2.66 -19.22 10.70
CA PHE B 84 -2.69 -19.79 9.37
C PHE B 84 -1.85 -21.06 9.32
N ASP B 85 -2.37 -22.08 8.63
CA ASP B 85 -1.66 -23.34 8.46
C ASP B 85 -1.62 -23.66 6.97
N VAL B 86 -0.46 -23.49 6.35
CA VAL B 86 -0.29 -23.73 4.92
C VAL B 86 0.02 -25.21 4.71
N GLY B 87 -0.75 -25.85 3.84
CA GLY B 87 -0.55 -27.26 3.55
C GLY B 87 -1.16 -28.17 4.59
N ARG B 93 8.27 -24.66 0.84
CA ARG B 93 8.47 -23.68 1.90
C ARG B 93 9.51 -22.64 1.50
N ARG B 94 10.17 -22.89 0.36
CA ARG B 94 11.22 -21.99 -0.10
C ARG B 94 10.66 -20.70 -0.67
N LYS B 95 9.44 -20.70 -1.19
CA LYS B 95 8.87 -19.55 -1.86
C LYS B 95 7.71 -18.90 -1.12
N TRP B 96 6.73 -19.68 -0.64
CA TRP B 96 5.57 -19.07 0.00
C TRP B 96 5.88 -18.52 1.40
N ILE B 97 7.07 -18.79 1.95
CA ILE B 97 7.43 -18.22 3.24
C ILE B 97 7.66 -16.72 3.15
N GLN B 98 7.88 -16.18 1.95
CA GLN B 98 8.20 -14.76 1.81
C GLN B 98 7.03 -13.87 2.19
N CYS B 99 5.80 -14.35 2.04
CA CYS B 99 4.62 -13.53 2.30
C CYS B 99 4.19 -13.54 3.76
N PHE B 100 4.92 -14.25 4.63
CA PHE B 100 4.62 -14.29 6.05
C PHE B 100 5.69 -13.58 6.87
N ASN B 101 6.28 -12.51 6.34
CA ASN B 101 7.33 -11.77 7.02
C ASN B 101 6.78 -10.64 7.88
N ASP B 102 5.47 -10.47 7.95
CA ASP B 102 4.84 -9.43 8.76
C ASP B 102 4.07 -9.99 9.95
N VAL B 103 4.16 -11.30 10.19
CA VAL B 103 3.42 -11.91 11.29
C VAL B 103 4.09 -11.59 12.62
N THR B 104 3.30 -11.64 13.69
CA THR B 104 3.82 -11.33 15.02
C THR B 104 4.79 -12.40 15.49
N ALA B 105 4.43 -13.67 15.34
CA ALA B 105 5.26 -14.76 15.85
C ALA B 105 4.98 -16.02 15.06
N ILE B 106 5.93 -16.96 15.13
CA ILE B 106 5.84 -18.27 14.48
C ILE B 106 5.77 -19.32 15.56
N ILE B 107 4.90 -20.31 15.37
CA ILE B 107 4.70 -21.40 16.33
C ILE B 107 5.28 -22.67 15.71
N PHE B 108 6.18 -23.31 16.44
CA PHE B 108 6.87 -24.52 15.98
C PHE B 108 6.60 -25.64 16.98
N VAL B 109 6.13 -26.78 16.48
CA VAL B 109 5.74 -27.92 17.31
C VAL B 109 6.66 -29.08 16.98
N VAL B 110 7.24 -29.69 18.02
CA VAL B 110 8.15 -30.82 17.86
C VAL B 110 7.67 -31.96 18.75
N ASP B 111 7.71 -33.18 18.21
CA ASP B 111 7.41 -34.37 18.98
C ASP B 111 8.65 -34.80 19.75
N SER B 112 8.57 -34.79 21.07
CA SER B 112 9.70 -35.09 21.94
C SER B 112 9.73 -36.55 22.39
N SER B 113 8.94 -37.42 21.76
CA SER B 113 8.89 -38.83 22.11
C SER B 113 9.19 -39.70 20.91
N ASP B 114 10.15 -39.27 20.08
CA ASP B 114 10.59 -40.06 18.94
C ASP B 114 12.05 -39.70 18.69
N TYR B 115 12.96 -40.53 19.20
CA TYR B 115 14.38 -40.21 19.10
C TYR B 115 14.90 -40.37 17.68
N ASN B 116 14.23 -41.18 16.85
CA ASN B 116 14.71 -41.42 15.50
C ASN B 116 14.63 -40.17 14.63
N ARG B 117 13.70 -39.25 14.93
CA ARG B 117 13.41 -38.13 14.05
C ARG B 117 13.70 -36.78 14.69
N LEU B 118 14.50 -36.75 15.76
CA LEU B 118 14.82 -35.48 16.39
C LEU B 118 15.84 -34.67 15.59
N GLN B 119 16.74 -35.35 14.88
CA GLN B 119 17.71 -34.63 14.06
C GLN B 119 17.03 -33.91 12.91
N GLU B 120 15.99 -34.50 12.33
CA GLU B 120 15.21 -33.82 11.31
C GLU B 120 14.54 -32.57 11.87
N ALA B 121 14.00 -32.66 13.09
CA ALA B 121 13.39 -31.49 13.72
C ALA B 121 14.43 -30.41 13.96
N LEU B 122 15.64 -30.79 14.41
CA LEU B 122 16.68 -29.79 14.64
C LEU B 122 17.10 -29.13 13.33
N ASN B 123 17.22 -29.91 12.26
CA ASN B 123 17.57 -29.33 10.96
C ASN B 123 16.48 -28.38 10.47
N ASP B 124 15.22 -28.75 10.65
CA ASP B 124 14.13 -27.88 10.25
C ASP B 124 14.13 -26.58 11.05
N PHE B 125 14.37 -26.68 12.37
CA PHE B 125 14.43 -25.48 13.20
C PHE B 125 15.59 -24.59 12.78
N LYS B 126 16.74 -25.18 12.45
CA LYS B 126 17.86 -24.39 11.97
C LYS B 126 17.53 -23.71 10.65
N SER B 127 16.83 -24.42 9.75
CA SER B 127 16.49 -23.86 8.45
C SER B 127 15.46 -22.74 8.57
N ILE B 128 14.62 -22.78 9.60
CA ILE B 128 13.62 -21.73 9.79
C ILE B 128 14.22 -20.54 10.54
N TRP B 129 15.09 -20.80 11.52
CA TRP B 129 15.64 -19.72 12.33
C TRP B 129 16.53 -18.80 11.51
N ASN B 130 17.33 -19.36 10.61
CA ASN B 130 18.30 -18.59 9.85
C ASN B 130 17.78 -18.11 8.51
N ASN B 131 16.47 -18.17 8.29
CA ASN B 131 15.88 -17.68 7.05
C ASN B 131 16.00 -16.17 6.97
N ARG B 132 16.41 -15.66 5.81
CA ARG B 132 16.68 -14.23 5.68
C ARG B 132 15.43 -13.38 5.73
N TRP B 133 14.27 -13.95 5.45
CA TRP B 133 13.01 -13.21 5.51
C TRP B 133 12.34 -13.26 6.87
N LEU B 134 12.87 -14.06 7.80
CA LEU B 134 12.30 -14.18 9.14
C LEU B 134 13.24 -13.67 10.22
N ARG B 135 14.16 -12.76 9.86
CA ARG B 135 15.20 -12.31 10.78
C ARG B 135 14.66 -11.44 11.91
N THR B 136 13.41 -10.97 11.83
CA THR B 136 12.84 -10.10 12.86
C THR B 136 11.58 -10.68 13.49
N ILE B 137 11.34 -11.98 13.31
CA ILE B 137 10.16 -12.65 13.84
C ILE B 137 10.58 -13.65 14.90
N SER B 138 9.98 -13.54 16.08
CA SER B 138 10.26 -14.47 17.17
C SER B 138 9.56 -15.81 16.92
N VAL B 139 10.04 -16.84 17.61
CA VAL B 139 9.53 -18.20 17.47
C VAL B 139 9.08 -18.69 18.83
N ILE B 140 7.87 -19.24 18.89
CA ILE B 140 7.37 -19.91 20.08
C ILE B 140 7.51 -21.41 19.85
N LEU B 141 8.27 -22.08 20.71
CA LEU B 141 8.62 -23.48 20.52
C LEU B 141 7.83 -24.33 21.50
N PHE B 142 7.07 -25.30 20.98
CA PHE B 142 6.29 -26.24 21.78
C PHE B 142 6.94 -27.60 21.71
N LEU B 143 7.30 -28.16 22.85
CA LEU B 143 7.79 -29.53 22.95
C LEU B 143 6.65 -30.40 23.48
N ASN B 144 6.04 -31.17 22.60
CA ASN B 144 4.78 -31.85 22.88
C ASN B 144 5.03 -33.30 23.29
N LYS B 145 3.96 -33.94 23.79
CA LYS B 145 3.95 -35.36 24.15
C LYS B 145 5.02 -35.69 25.18
N GLN B 146 4.93 -35.01 26.33
CA GLN B 146 5.86 -35.27 27.42
C GLN B 146 5.53 -36.56 28.15
N ASP B 147 4.26 -36.95 28.21
CA ASP B 147 3.87 -38.16 28.93
C ASP B 147 4.46 -39.40 28.28
N LEU B 148 4.46 -39.46 26.95
CA LEU B 148 5.06 -40.60 26.28
C LEU B 148 6.56 -40.67 26.52
N LEU B 149 7.22 -39.50 26.53
CA LEU B 149 8.65 -39.47 26.84
C LEU B 149 8.91 -39.98 28.26
N ALA B 150 8.10 -39.55 29.22
CA ALA B 150 8.27 -40.02 30.59
C ALA B 150 8.07 -41.52 30.69
N GLU B 151 7.05 -42.04 30.01
CA GLU B 151 6.78 -43.47 30.04
C GLU B 151 7.94 -44.26 29.42
N LYS B 152 8.48 -43.77 28.30
CA LYS B 152 9.60 -44.45 27.66
C LYS B 152 10.85 -44.41 28.52
N VAL B 153 11.10 -43.29 29.20
CA VAL B 153 12.28 -43.19 30.07
C VAL B 153 12.13 -44.12 31.27
N LEU B 154 10.93 -44.19 31.85
CA LEU B 154 10.72 -45.09 32.99
C LEU B 154 10.81 -46.55 32.57
N ALA B 155 10.31 -46.88 31.38
CA ALA B 155 10.34 -48.27 30.92
C ALA B 155 11.77 -48.75 30.73
N GLY B 156 12.62 -47.91 30.16
CA GLY B 156 14.01 -48.29 29.94
C GLY B 156 14.24 -49.24 28.78
N LYS B 157 13.30 -49.34 27.85
CA LYS B 157 13.45 -50.20 26.68
C LYS B 157 14.17 -49.50 25.54
N SER B 158 14.45 -48.20 25.66
CA SER B 158 15.20 -47.46 24.66
C SER B 158 15.95 -46.35 25.37
N LYS B 159 17.19 -46.13 24.95
CA LYS B 159 18.08 -45.18 25.61
C LYS B 159 18.45 -44.05 24.66
N ILE B 160 18.58 -42.85 25.22
CA ILE B 160 18.99 -41.69 24.43
C ILE B 160 20.42 -41.87 23.94
N GLU B 161 21.26 -42.54 24.74
CA GLU B 161 22.67 -42.73 24.37
C GLU B 161 22.83 -43.51 23.07
N ASP B 162 21.83 -44.27 22.66
CA ASP B 162 21.91 -44.98 21.39
C ASP B 162 21.89 -44.04 20.20
N TYR B 163 21.39 -42.82 20.37
CA TYR B 163 21.35 -41.84 19.29
C TYR B 163 22.13 -40.56 19.60
N PHE B 164 22.28 -40.20 20.88
CA PHE B 164 23.03 -39.01 21.29
C PHE B 164 24.13 -39.45 22.25
N PRO B 165 25.35 -39.67 21.76
CA PRO B 165 26.44 -40.10 22.67
C PRO B 165 26.76 -39.08 23.75
N GLU B 166 26.58 -37.79 23.47
CA GLU B 166 26.92 -36.75 24.45
C GLU B 166 26.02 -36.75 25.66
N PHE B 167 24.90 -37.47 25.63
CA PHE B 167 23.99 -37.49 26.77
C PHE B 167 24.57 -38.22 27.98
N ALA B 168 25.49 -39.16 27.75
CA ALA B 168 26.08 -39.90 28.87
C ALA B 168 26.90 -39.02 29.78
N ARG B 169 27.38 -37.87 29.29
CA ARG B 169 28.20 -36.96 30.07
C ARG B 169 27.40 -35.76 30.58
N TYR B 170 26.10 -35.74 30.38
CA TYR B 170 25.26 -34.62 30.77
C TYR B 170 24.79 -34.78 32.21
N THR B 171 24.77 -33.66 32.94
CA THR B 171 24.29 -33.62 34.32
C THR B 171 23.23 -32.56 34.44
N THR B 172 22.25 -32.81 35.30
CA THR B 172 21.17 -31.84 35.53
C THR B 172 21.73 -30.59 36.21
N PRO B 173 21.42 -29.39 35.71
CA PRO B 173 21.95 -28.17 36.33
C PRO B 173 21.39 -27.99 37.73
N GLU B 174 22.19 -27.32 38.58
CA GLU B 174 21.81 -27.11 39.97
C GLU B 174 20.65 -26.12 40.11
N ASP B 175 20.35 -25.36 39.06
CA ASP B 175 19.26 -24.38 39.08
C ASP B 175 17.97 -24.94 38.51
N ALA B 176 17.89 -26.25 38.30
CA ALA B 176 16.67 -26.85 37.78
C ALA B 176 15.54 -26.73 38.79
N THR B 177 14.31 -26.59 38.28
CA THR B 177 13.11 -26.50 39.10
C THR B 177 12.11 -27.54 38.62
N PRO B 178 12.36 -28.83 38.89
CA PRO B 178 11.42 -29.86 38.47
C PRO B 178 10.09 -29.75 39.21
N GLU B 179 9.04 -30.24 38.55
CA GLU B 179 7.73 -30.31 39.20
C GLU B 179 7.78 -31.30 40.36
N PRO B 180 7.12 -30.99 41.47
CA PRO B 180 7.14 -31.91 42.62
C PRO B 180 6.59 -33.28 42.25
N GLY B 181 7.25 -34.32 42.76
CA GLY B 181 6.84 -35.69 42.52
C GLY B 181 7.44 -36.32 41.28
N GLU B 182 8.11 -35.56 40.44
CA GLU B 182 8.71 -36.11 39.24
C GLU B 182 10.01 -36.84 39.57
N ASP B 183 10.17 -38.03 39.02
CA ASP B 183 11.38 -38.80 39.22
C ASP B 183 12.57 -38.08 38.58
N PRO B 184 13.74 -38.09 39.22
CA PRO B 184 14.89 -37.38 38.64
C PRO B 184 15.56 -38.17 37.52
N ARG B 185 14.74 -38.72 36.61
CA ARG B 185 15.24 -39.30 35.38
C ARG B 185 14.54 -38.76 34.14
N VAL B 186 13.37 -38.15 34.29
CA VAL B 186 12.71 -37.51 33.16
C VAL B 186 13.14 -36.05 33.02
N THR B 187 13.48 -35.39 34.13
CA THR B 187 13.94 -34.02 34.07
C THR B 187 15.25 -33.92 33.29
N ARG B 188 16.15 -34.88 33.47
CA ARG B 188 17.40 -34.88 32.73
C ARG B 188 17.16 -34.95 31.23
N ALA B 189 16.28 -35.86 30.80
CA ALA B 189 15.99 -35.99 29.37
C ALA B 189 15.31 -34.74 28.82
N LYS B 190 14.33 -34.20 29.56
CA LYS B 190 13.63 -33.02 29.08
C LYS B 190 14.57 -31.82 28.96
N TYR B 191 15.44 -31.62 29.96
CA TYR B 191 16.36 -30.51 29.89
C TYR B 191 17.41 -30.72 28.82
N PHE B 192 17.80 -31.98 28.56
CA PHE B 192 18.71 -32.24 27.44
C PHE B 192 18.09 -31.86 26.11
N ILE B 193 16.83 -32.25 25.89
CA ILE B 193 16.16 -31.91 24.64
C ILE B 193 16.01 -30.39 24.51
N ARG B 194 15.59 -29.73 25.59
CA ARG B 194 15.41 -28.28 25.56
C ARG B 194 16.73 -27.57 25.30
N LYS B 195 17.83 -28.05 25.91
CA LYS B 195 19.13 -27.47 25.65
C LYS B 195 19.54 -27.67 24.21
N GLU B 196 19.30 -28.86 23.65
CA GLU B 196 19.68 -29.12 22.28
C GLU B 196 18.92 -28.22 21.31
N PHE B 197 17.67 -27.88 21.64
CA PHE B 197 16.92 -26.95 20.79
C PHE B 197 17.34 -25.51 21.00
N VAL B 198 17.60 -25.11 22.25
CA VAL B 198 17.93 -23.72 22.55
C VAL B 198 19.29 -23.34 21.99
N ASP B 199 20.26 -24.26 22.03
CA ASP B 199 21.63 -23.93 21.62
C ASP B 199 21.71 -23.43 20.19
N ILE B 200 20.77 -23.83 19.33
CA ILE B 200 20.74 -23.29 17.98
C ILE B 200 20.32 -21.83 17.99
N SER B 201 19.36 -21.48 18.84
CA SER B 201 18.85 -20.11 18.88
C SER B 201 19.90 -19.13 19.40
N THR B 202 20.76 -19.56 20.31
CA THR B 202 21.73 -18.66 20.91
C THR B 202 22.94 -18.39 20.03
N ALA B 203 23.14 -19.20 18.98
CA ALA B 203 24.32 -19.05 18.14
C ALA B 203 24.22 -17.88 17.16
N SER B 204 23.03 -17.34 16.94
CA SER B 204 22.86 -16.24 16.00
C SER B 204 21.58 -15.49 16.34
N GLY B 205 21.50 -14.26 15.84
CA GLY B 205 20.32 -13.43 16.04
C GLY B 205 20.68 -12.05 16.56
N ASP B 206 21.70 -11.97 17.42
CA ASP B 206 22.21 -10.71 17.96
C ASP B 206 21.11 -9.90 18.63
N GLY B 207 20.17 -10.59 19.28
CA GLY B 207 19.14 -9.94 20.05
C GLY B 207 17.91 -9.50 19.28
N ARG B 208 17.91 -9.64 17.95
CA ARG B 208 16.81 -9.15 17.14
C ARG B 208 15.54 -9.98 17.30
N HIS B 209 15.64 -11.21 17.79
CA HIS B 209 14.48 -12.05 18.06
C HIS B 209 14.86 -13.09 19.11
N ILE B 210 13.85 -13.55 19.84
CA ILE B 210 14.05 -14.42 20.99
C ILE B 210 13.18 -15.66 20.83
N CYS B 211 13.66 -16.78 21.36
CA CYS B 211 12.93 -18.04 21.37
C CYS B 211 12.32 -18.28 22.74
N TYR B 212 11.12 -18.85 22.76
CA TYR B 212 10.34 -19.06 23.99
C TYR B 212 9.98 -20.53 24.09
N PRO B 213 10.86 -21.36 24.67
CA PRO B 213 10.54 -22.78 24.80
C PRO B 213 9.41 -23.03 25.79
N HIS B 214 8.64 -24.08 25.53
CA HIS B 214 7.54 -24.47 26.40
C HIS B 214 7.37 -25.98 26.36
N PHE B 215 6.94 -26.53 27.49
CA PHE B 215 6.58 -27.94 27.58
C PHE B 215 5.07 -28.07 27.66
N THR B 216 4.49 -28.94 26.82
CA THR B 216 3.05 -29.10 26.76
C THR B 216 2.73 -30.59 26.61
N CYS B 217 1.44 -30.89 26.48
CA CYS B 217 0.98 -32.26 26.31
C CYS B 217 -0.33 -32.24 25.54
N ALA B 218 -0.83 -33.43 25.21
CA ALA B 218 -2.06 -33.53 24.43
C ALA B 218 -3.29 -33.11 25.22
N VAL B 219 -3.20 -33.00 26.54
CA VAL B 219 -4.35 -32.70 27.38
C VAL B 219 -4.28 -31.32 28.01
N ASP B 220 -3.19 -30.58 27.80
CA ASP B 220 -3.06 -29.26 28.41
C ASP B 220 -3.94 -28.24 27.68
N THR B 221 -4.53 -27.33 28.46
CA THR B 221 -5.42 -26.30 27.92
C THR B 221 -4.90 -24.89 28.10
N GLU B 222 -3.87 -24.69 28.94
CA GLU B 222 -3.33 -23.36 29.18
C GLU B 222 -2.56 -22.79 28.00
N ASN B 223 -2.45 -23.53 26.89
CA ASN B 223 -1.63 -23.08 25.76
C ASN B 223 -2.07 -21.73 25.23
N ALA B 224 -3.36 -21.38 25.39
CA ALA B 224 -3.85 -20.11 24.90
C ALA B 224 -3.18 -18.93 25.62
N ARG B 225 -2.99 -19.05 26.93
CA ARG B 225 -2.41 -17.94 27.69
C ARG B 225 -0.96 -17.71 27.34
N ARG B 226 -0.21 -18.78 27.03
CA ARG B 226 1.21 -18.63 26.74
C ARG B 226 1.43 -17.78 25.49
N ILE B 227 0.62 -18.00 24.46
CA ILE B 227 0.75 -17.21 23.23
C ILE B 227 0.46 -15.75 23.52
N PHE B 228 -0.57 -15.47 24.32
CA PHE B 228 -0.92 -14.09 24.66
C PHE B 228 0.22 -13.42 25.42
N ASN B 229 0.80 -14.11 26.41
CA ASN B 229 1.90 -13.54 27.17
C ASN B 229 3.11 -13.29 26.30
N ASP B 230 3.45 -14.24 25.43
CA ASP B 230 4.62 -14.07 24.56
C ASP B 230 4.42 -12.93 23.58
N CYS B 231 3.22 -12.79 23.00
CA CYS B 231 2.95 -11.69 22.09
C CYS B 231 3.01 -10.35 22.81
N LYS B 232 2.47 -10.29 24.03
CA LYS B 232 2.58 -9.05 24.80
C LYS B 232 4.03 -8.70 25.08
N ASP B 233 4.84 -9.70 25.42
CA ASP B 233 6.27 -9.45 25.65
C ASP B 233 6.96 -8.96 24.39
N ILE B 234 6.62 -9.54 23.24
CA ILE B 234 7.24 -9.12 21.98
C ILE B 234 6.89 -7.66 21.68
N ILE B 235 5.60 -7.31 21.85
CA ILE B 235 5.19 -5.93 21.60
C ILE B 235 5.86 -4.97 22.58
N LEU B 236 6.03 -5.41 23.83
CA LEU B 236 6.76 -4.60 24.80
C LEU B 236 8.20 -4.38 24.37
N GLN B 237 8.85 -5.42 23.86
CA GLN B 237 10.22 -5.27 23.37
C GLN B 237 10.30 -4.29 22.21
N MET B 238 9.35 -4.39 21.27
CA MET B 238 9.34 -3.46 20.15
C MET B 238 9.13 -2.02 20.62
N ASN B 239 8.22 -1.81 21.58
CA ASN B 239 8.00 -0.47 22.11
C ASN B 239 9.23 0.06 22.83
N LEU B 240 9.91 -0.79 23.58
CA LEU B 240 11.15 -0.36 24.24
C LEU B 240 12.21 0.04 23.22
N ARG B 241 12.32 -0.72 22.12
CA ARG B 241 13.29 -0.37 21.10
C ARG B 241 12.92 0.91 20.38
N GLU B 242 11.62 1.16 20.20
CA GLU B 242 11.19 2.34 19.45
C GLU B 242 11.52 3.65 20.17
N TYR B 243 11.53 3.64 21.50
CA TYR B 243 11.73 4.85 22.28
C TYR B 243 13.19 5.10 22.63
N ASN B 244 14.13 4.47 21.92
CA ASN B 244 15.57 4.67 22.13
C ASN B 244 15.98 4.34 23.56
N LEU B 245 15.34 3.34 24.15
CA LEU B 245 15.68 2.90 25.50
C LEU B 245 16.66 1.73 25.52
N VAL B 246 16.71 0.94 24.46
CA VAL B 246 17.61 -0.20 24.40
C VAL B 246 18.58 -0.05 23.24
N ASP C 23 19.65 -48.58 -16.57
CA ASP C 23 21.10 -48.67 -16.68
C ASP C 23 21.57 -48.31 -18.08
N GLN C 24 20.77 -48.66 -19.08
CA GLN C 24 21.11 -48.38 -20.47
C GLN C 24 20.60 -47.03 -20.94
N LEU C 25 19.50 -46.53 -20.36
CA LEU C 25 18.91 -45.29 -20.84
C LEU C 25 19.70 -44.07 -20.39
N ARG C 26 20.38 -44.15 -19.25
CA ARG C 26 21.18 -43.02 -18.78
C ARG C 26 22.32 -42.71 -19.74
N GLN C 27 22.96 -43.74 -20.29
CA GLN C 27 24.03 -43.52 -21.25
C GLN C 27 23.50 -42.88 -22.53
N GLU C 28 22.34 -43.33 -22.99
CA GLU C 28 21.73 -42.72 -24.18
C GLU C 28 21.38 -41.26 -23.93
N ALA C 29 20.83 -40.96 -22.75
CA ALA C 29 20.50 -39.57 -22.42
C ALA C 29 21.75 -38.71 -22.36
N GLU C 30 22.83 -39.23 -21.76
CA GLU C 30 24.08 -38.47 -21.71
C GLU C 30 24.65 -38.25 -23.10
N GLN C 31 24.58 -39.26 -23.97
CA GLN C 31 25.06 -39.11 -25.34
C GLN C 31 24.25 -38.07 -26.09
N LEU C 32 22.93 -38.07 -25.91
CA LEU C 32 22.10 -37.06 -26.57
C LEU C 32 22.40 -35.66 -26.05
N LYS C 33 22.61 -35.52 -24.74
CA LYS C 33 22.97 -34.23 -24.18
C LYS C 33 24.30 -33.74 -24.73
N ASN C 34 25.28 -34.63 -24.85
CA ASN C 34 26.57 -34.27 -25.44
C ASN C 34 26.42 -33.87 -26.90
N GLN C 35 25.56 -34.57 -27.64
CA GLN C 35 25.32 -34.21 -29.03
C GLN C 35 24.71 -32.82 -29.14
N ILE C 36 23.75 -32.51 -28.27
CA ILE C 36 23.12 -31.19 -28.28
C ILE C 36 24.14 -30.11 -27.92
N ARG C 37 24.98 -30.38 -26.91
CA ARG C 37 26.01 -29.42 -26.52
C ARG C 37 26.99 -29.17 -27.66
N ASP C 38 27.40 -30.22 -28.37
CA ASP C 38 28.31 -30.06 -29.49
C ASP C 38 27.64 -29.29 -30.62
N ALA C 39 26.35 -29.54 -30.87
CA ALA C 39 25.62 -28.82 -31.91
C ALA C 39 25.53 -27.33 -31.58
N ARG C 40 25.29 -27.00 -30.31
CA ARG C 40 25.16 -25.60 -29.92
C ARG C 40 26.48 -24.86 -30.08
N LYS C 41 27.60 -25.51 -29.73
CA LYS C 41 28.90 -24.84 -29.78
C LYS C 41 29.31 -24.49 -31.21
N ALA C 42 28.86 -25.27 -32.19
CA ALA C 42 29.28 -25.06 -33.57
C ALA C 42 28.79 -23.74 -34.14
N CYS C 43 27.73 -23.16 -33.58
CA CYS C 43 27.13 -21.94 -34.11
C CYS C 43 27.63 -20.67 -33.44
N ALA C 44 28.53 -20.77 -32.46
CA ALA C 44 29.02 -19.60 -31.73
C ALA C 44 30.17 -18.96 -32.50
N ASP C 45 29.82 -18.32 -33.61
CA ASP C 45 30.79 -17.66 -34.48
C ASP C 45 30.97 -16.18 -34.17
N ALA C 46 30.17 -15.62 -33.27
CA ALA C 46 30.25 -14.19 -32.95
C ALA C 46 29.49 -13.94 -31.66
N THR C 47 29.72 -12.76 -31.08
CA THR C 47 29.07 -12.33 -29.86
C THR C 47 28.53 -10.92 -30.02
N LEU C 48 27.58 -10.56 -29.15
CA LEU C 48 27.02 -9.21 -29.17
C LEU C 48 28.08 -8.16 -28.84
N SER C 49 29.02 -8.48 -27.95
CA SER C 49 30.02 -7.51 -27.53
C SER C 49 30.95 -7.09 -28.65
N GLN C 50 30.97 -7.82 -29.76
CA GLN C 50 31.88 -7.52 -30.87
C GLN C 50 31.21 -6.77 -32.01
N ILE C 51 29.95 -7.10 -32.33
CA ILE C 51 29.27 -6.42 -33.43
C ILE C 51 28.77 -5.04 -33.02
N THR C 52 28.62 -4.79 -31.71
CA THR C 52 28.07 -3.54 -31.22
C THR C 52 29.13 -2.48 -30.96
N ASN C 53 30.38 -2.72 -31.34
CA ASN C 53 31.43 -1.74 -31.16
C ASN C 53 31.21 -0.48 -32.00
N ASN C 54 30.35 -0.56 -33.02
CA ASN C 54 30.06 0.57 -33.89
C ASN C 54 28.75 1.26 -33.55
N ILE C 55 28.16 0.94 -32.40
CA ILE C 55 26.87 1.50 -31.98
C ILE C 55 27.13 2.46 -30.82
N ASP C 56 26.61 3.68 -30.95
CA ASP C 56 26.82 4.69 -29.93
C ASP C 56 26.02 4.34 -28.67
N PRO C 57 26.57 4.65 -27.50
CA PRO C 57 25.84 4.42 -26.25
C PRO C 57 24.61 5.31 -26.14
N VAL C 58 23.63 4.82 -25.37
CA VAL C 58 22.41 5.58 -25.16
C VAL C 58 22.65 6.80 -24.28
N GLY C 59 23.77 6.84 -23.56
CA GLY C 59 24.06 7.96 -22.70
C GLY C 59 23.42 7.85 -21.34
N ARG C 60 23.28 9.00 -20.68
CA ARG C 60 22.65 9.07 -19.37
C ARG C 60 21.16 9.36 -19.54
N ILE C 61 20.33 8.59 -18.85
CA ILE C 61 18.88 8.70 -18.94
C ILE C 61 18.36 9.13 -17.57
N GLN C 62 17.66 10.26 -17.53
CA GLN C 62 17.09 10.79 -16.30
C GLN C 62 15.58 10.67 -16.35
N MET C 63 15.00 10.11 -15.29
CA MET C 63 13.56 9.97 -15.16
C MET C 63 13.14 10.47 -13.78
N ARG C 64 12.00 11.14 -13.72
CA ARG C 64 11.51 11.74 -12.50
C ARG C 64 10.07 11.32 -12.25
N THR C 65 9.67 11.35 -10.99
CA THR C 65 8.31 10.96 -10.62
C THR C 65 7.31 11.99 -11.13
N ARG C 66 6.27 11.53 -11.82
CA ARG C 66 5.21 12.40 -12.29
C ARG C 66 3.92 12.25 -11.53
N ARG C 67 3.61 11.05 -11.04
CA ARG C 67 2.41 10.80 -10.26
C ARG C 67 2.74 9.90 -9.08
N THR C 68 1.99 10.05 -8.00
CA THR C 68 2.09 9.18 -6.84
C THR C 68 0.70 8.66 -6.51
N LEU C 69 0.59 7.34 -6.39
CA LEU C 69 -0.70 6.69 -6.13
C LEU C 69 -0.72 6.18 -4.70
N ARG C 70 -1.69 6.66 -3.93
CA ARG C 70 -1.82 6.31 -2.52
C ARG C 70 -3.18 5.66 -2.28
N GLY C 71 -3.23 4.82 -1.25
CA GLY C 71 -4.47 4.15 -0.89
C GLY C 71 -4.27 2.73 -0.41
N HIS C 72 -3.20 2.07 -0.86
CA HIS C 72 -2.91 0.73 -0.40
C HIS C 72 -2.38 0.76 1.03
N LEU C 73 -2.77 -0.24 1.82
CA LEU C 73 -2.35 -0.34 3.21
C LEU C 73 -1.47 -1.55 3.46
N ALA C 74 -0.93 -2.16 2.41
CA ALA C 74 -0.10 -3.36 2.55
C ALA C 74 0.84 -3.46 1.37
N LYS C 75 1.71 -4.45 1.41
CA LYS C 75 2.68 -4.64 0.34
C LYS C 75 1.98 -4.95 -0.98
N ILE C 76 2.49 -4.34 -2.04
CA ILE C 76 1.94 -4.53 -3.39
C ILE C 76 2.69 -5.67 -4.07
N TYR C 77 1.96 -6.64 -4.59
CA TYR C 77 2.53 -7.83 -5.18
C TYR C 77 2.37 -7.93 -6.70
N ALA C 78 1.34 -7.32 -7.27
CA ALA C 78 1.07 -7.46 -8.69
C ALA C 78 0.63 -6.13 -9.29
N MET C 79 0.90 -5.96 -10.58
CA MET C 79 0.52 -4.76 -11.32
C MET C 79 0.51 -5.11 -12.80
N HIS C 80 -0.42 -4.51 -13.53
CA HIS C 80 -0.53 -4.78 -14.97
C HIS C 80 -1.20 -3.61 -15.66
N TRP C 81 -0.70 -3.26 -16.85
CA TRP C 81 -1.22 -2.15 -17.63
C TRP C 81 -2.35 -2.61 -18.55
N GLY C 82 -3.23 -1.66 -18.88
CA GLY C 82 -4.24 -1.89 -19.89
C GLY C 82 -3.74 -1.58 -21.28
N THR C 83 -4.62 -1.80 -22.25
CA THR C 83 -4.28 -1.56 -23.66
C THR C 83 -4.49 -0.12 -24.09
N ASP C 84 -5.17 0.69 -23.29
CA ASP C 84 -5.41 2.10 -23.62
C ASP C 84 -4.37 3.04 -23.02
N SER C 85 -3.41 2.51 -22.25
CA SER C 85 -2.33 3.25 -21.62
C SER C 85 -2.81 4.21 -20.54
N ARG C 86 -4.05 4.08 -20.08
CA ARG C 86 -4.58 4.93 -19.02
C ARG C 86 -5.01 4.16 -17.79
N LEU C 87 -5.64 3.00 -17.96
CA LEU C 87 -6.13 2.23 -16.82
C LEU C 87 -5.03 1.32 -16.29
N LEU C 88 -5.00 1.16 -14.97
CA LEU C 88 -3.98 0.38 -14.28
C LEU C 88 -4.63 -0.40 -13.16
N VAL C 89 -4.22 -1.65 -12.97
CA VAL C 89 -4.74 -2.53 -11.93
C VAL C 89 -3.59 -2.99 -11.05
N SER C 90 -3.82 -2.98 -9.74
CA SER C 90 -2.81 -3.39 -8.77
C SER C 90 -3.46 -4.25 -7.71
N ALA C 91 -2.65 -5.14 -7.12
CA ALA C 91 -3.13 -6.06 -6.10
C ALA C 91 -2.18 -6.02 -4.91
N SER C 92 -2.74 -6.12 -3.71
CA SER C 92 -1.96 -6.03 -2.48
C SER C 92 -2.54 -6.99 -1.45
N GLN C 93 -1.83 -7.11 -0.33
CA GLN C 93 -2.18 -8.06 0.72
C GLN C 93 -3.32 -7.59 1.61
N ASP C 94 -3.88 -6.40 1.37
CA ASP C 94 -5.03 -5.94 2.14
C ASP C 94 -6.33 -6.58 1.70
N GLY C 95 -6.30 -7.39 0.63
CA GLY C 95 -7.48 -8.09 0.17
C GLY C 95 -8.35 -7.33 -0.81
N LYS C 96 -7.84 -6.26 -1.41
CA LYS C 96 -8.63 -5.44 -2.33
C LYS C 96 -7.88 -5.22 -3.63
N LEU C 97 -8.64 -5.03 -4.71
CA LEU C 97 -8.11 -4.82 -6.04
C LEU C 97 -8.57 -3.45 -6.52
N ILE C 98 -7.63 -2.61 -6.93
CA ILE C 98 -7.90 -1.20 -7.24
C ILE C 98 -7.57 -0.94 -8.71
N ILE C 99 -8.44 -0.20 -9.37
CA ILE C 99 -8.24 0.24 -10.76
C ILE C 99 -7.95 1.73 -10.74
N TRP C 100 -6.85 2.13 -11.37
CA TRP C 100 -6.35 3.49 -11.31
C TRP C 100 -6.50 4.19 -12.65
N ASP C 101 -6.74 5.50 -12.58
CA ASP C 101 -6.68 6.39 -13.74
C ASP C 101 -5.36 7.15 -13.66
N SER C 102 -4.43 6.85 -14.56
CA SER C 102 -3.07 7.35 -14.41
C SER C 102 -2.97 8.85 -14.60
N TYR C 103 -3.82 9.43 -15.45
CA TYR C 103 -3.70 10.86 -15.75
C TYR C 103 -4.18 11.75 -14.63
N THR C 104 -5.25 11.37 -13.93
CA THR C 104 -5.84 12.20 -12.89
C THR C 104 -5.68 11.63 -11.48
N THR C 105 -5.19 10.40 -11.35
CA THR C 105 -4.99 9.68 -10.08
C THR C 105 -6.30 9.30 -9.42
N ASN C 106 -7.44 9.53 -10.08
CA ASN C 106 -8.73 9.11 -9.54
C ASN C 106 -8.87 7.59 -9.62
N LYS C 107 -9.58 7.04 -8.64
CA LYS C 107 -9.88 5.62 -8.61
C LYS C 107 -11.20 5.34 -9.32
N VAL C 108 -11.26 4.23 -10.04
CA VAL C 108 -12.45 3.85 -10.81
C VAL C 108 -13.23 2.74 -10.10
N HIS C 109 -12.55 1.68 -9.68
CA HIS C 109 -13.20 0.56 -9.02
C HIS C 109 -12.38 0.11 -7.83
N ALA C 110 -13.05 -0.53 -6.88
CA ALA C 110 -12.40 -1.21 -5.76
C ALA C 110 -13.06 -2.56 -5.59
N ILE C 111 -12.28 -3.64 -5.70
CA ILE C 111 -12.83 -4.99 -5.74
C ILE C 111 -12.34 -5.79 -4.53
N PRO C 112 -13.22 -6.14 -3.61
CA PRO C 112 -12.82 -7.03 -2.51
C PRO C 112 -12.50 -8.42 -3.02
N LEU C 113 -11.56 -9.08 -2.33
CA LEU C 113 -11.15 -10.43 -2.67
C LEU C 113 -11.60 -11.40 -1.59
N ARG C 114 -11.83 -12.65 -1.99
CA ARG C 114 -12.22 -13.68 -1.04
C ARG C 114 -11.05 -14.16 -0.19
N SER C 115 -9.81 -13.89 -0.63
CA SER C 115 -8.62 -14.26 0.13
C SER C 115 -7.60 -13.13 0.00
N SER C 116 -6.86 -12.89 1.07
CA SER C 116 -5.90 -11.80 1.11
C SER C 116 -4.51 -12.21 0.64
N TRP C 117 -4.28 -13.49 0.35
CA TRP C 117 -2.97 -13.97 -0.09
C TRP C 117 -2.94 -14.04 -1.62
N VAL C 118 -3.00 -12.85 -2.23
CA VAL C 118 -2.99 -12.70 -3.68
C VAL C 118 -1.56 -12.50 -4.15
N MET C 119 -1.20 -13.14 -5.27
CA MET C 119 0.15 -13.08 -5.79
C MET C 119 0.24 -12.62 -7.25
N THR C 120 -0.85 -12.59 -8.00
CA THR C 120 -0.80 -12.17 -9.39
C THR C 120 -2.11 -11.52 -9.78
N CYS C 121 -2.06 -10.72 -10.84
CA CYS C 121 -3.25 -10.09 -11.40
C CYS C 121 -3.03 -9.86 -12.89
N ALA C 122 -4.13 -9.70 -13.62
CA ALA C 122 -4.05 -9.51 -15.06
C ALA C 122 -5.24 -8.67 -15.53
N TYR C 123 -5.07 -8.06 -16.69
CA TYR C 123 -6.08 -7.21 -17.31
C TYR C 123 -6.36 -7.73 -18.71
N ALA C 124 -7.63 -7.95 -19.01
CA ALA C 124 -8.00 -8.51 -20.31
C ALA C 124 -7.72 -7.51 -21.42
N PRO C 125 -7.28 -7.97 -22.59
CA PRO C 125 -6.99 -7.02 -23.69
C PRO C 125 -8.21 -6.26 -24.18
N SER C 126 -9.42 -6.79 -23.98
CA SER C 126 -10.63 -6.09 -24.37
C SER C 126 -11.10 -5.10 -23.31
N GLY C 127 -10.57 -5.19 -22.10
CA GLY C 127 -10.94 -4.30 -21.02
C GLY C 127 -12.19 -4.69 -20.27
N ASN C 128 -12.74 -5.88 -20.50
CA ASN C 128 -13.97 -6.30 -19.86
C ASN C 128 -13.77 -7.18 -18.64
N TYR C 129 -12.61 -7.84 -18.51
CA TYR C 129 -12.40 -8.80 -17.44
C TYR C 129 -11.06 -8.55 -16.75
N VAL C 130 -11.00 -8.95 -15.48
CA VAL C 130 -9.78 -8.90 -14.68
C VAL C 130 -9.67 -10.22 -13.92
N ALA C 131 -8.45 -10.73 -13.81
CA ALA C 131 -8.22 -12.02 -13.16
C ALA C 131 -7.17 -11.88 -12.06
N CYS C 132 -7.26 -12.78 -11.08
CA CYS C 132 -6.36 -12.75 -9.93
C CYS C 132 -6.29 -14.15 -9.34
N GLY C 133 -5.33 -14.34 -8.44
CA GLY C 133 -5.14 -15.63 -7.79
C GLY C 133 -4.00 -15.56 -6.81
N GLY C 134 -3.77 -16.69 -6.14
CA GLY C 134 -2.72 -16.75 -5.13
C GLY C 134 -2.56 -18.10 -4.48
N LEU C 135 -2.43 -18.11 -3.15
CA LEU C 135 -2.19 -19.34 -2.40
C LEU C 135 -3.43 -20.21 -2.26
N ASP C 136 -4.58 -19.77 -2.73
CA ASP C 136 -5.81 -20.54 -2.62
C ASP C 136 -5.98 -21.54 -3.77
N ASN C 137 -5.04 -21.58 -4.71
CA ASN C 137 -5.02 -22.51 -5.84
C ASN C 137 -6.22 -22.32 -6.77
N ILE C 138 -6.84 -21.14 -6.76
CA ILE C 138 -8.01 -20.85 -7.59
C ILE C 138 -7.77 -19.56 -8.35
N CYS C 139 -8.09 -19.57 -9.64
CA CYS C 139 -8.02 -18.38 -10.48
C CYS C 139 -9.42 -17.84 -10.67
N SER C 140 -9.63 -16.58 -10.28
CA SER C 140 -10.95 -15.96 -10.29
C SER C 140 -11.00 -14.85 -11.34
N ILE C 141 -12.11 -14.80 -12.07
CA ILE C 141 -12.30 -13.85 -13.17
C ILE C 141 -13.48 -12.96 -12.84
N TYR C 142 -13.28 -11.65 -12.97
CA TYR C 142 -14.27 -10.65 -12.60
C TYR C 142 -14.80 -9.93 -13.84
N ASN C 143 -16.08 -9.56 -13.80
CA ASN C 143 -16.73 -8.85 -14.89
C ASN C 143 -16.87 -7.38 -14.52
N LEU C 144 -16.24 -6.51 -15.30
CA LEU C 144 -16.21 -5.07 -15.01
C LEU C 144 -17.38 -4.31 -15.62
N LYS C 145 -18.13 -4.90 -16.55
CA LYS C 145 -19.19 -4.20 -17.27
C LYS C 145 -20.49 -4.96 -17.11
N THR C 146 -21.31 -4.53 -16.15
CA THR C 146 -22.61 -5.12 -15.90
C THR C 146 -23.68 -4.03 -15.89
N ARG C 147 -24.92 -4.44 -16.16
CA ARG C 147 -26.02 -3.49 -16.15
C ARG C 147 -26.36 -3.02 -14.74
N GLU C 148 -26.05 -3.84 -13.73
CA GLU C 148 -26.34 -3.47 -12.36
C GLU C 148 -25.35 -2.46 -11.79
N GLY C 149 -24.18 -2.30 -12.41
CA GLY C 149 -23.19 -1.34 -11.98
C GLY C 149 -22.14 -1.88 -11.04
N ASN C 150 -22.30 -3.11 -10.56
CA ASN C 150 -21.35 -3.73 -9.64
C ASN C 150 -20.43 -4.69 -10.39
N VAL C 151 -19.25 -4.90 -9.82
CA VAL C 151 -18.31 -5.88 -10.34
C VAL C 151 -18.60 -7.22 -9.66
N ARG C 152 -18.79 -8.26 -10.47
CA ARG C 152 -19.21 -9.56 -9.96
C ARG C 152 -18.24 -10.64 -10.45
N VAL C 153 -18.23 -11.75 -9.71
CA VAL C 153 -17.37 -12.88 -10.03
C VAL C 153 -18.05 -13.73 -11.10
N SER C 154 -17.31 -14.05 -12.15
CA SER C 154 -17.87 -14.81 -13.27
C SER C 154 -17.61 -16.31 -13.16
N ARG C 155 -16.41 -16.72 -12.75
CA ARG C 155 -16.10 -18.14 -12.61
C ARG C 155 -14.83 -18.30 -11.79
N GLU C 156 -14.74 -19.42 -11.09
CA GLU C 156 -13.55 -19.82 -10.35
C GLU C 156 -12.94 -21.04 -11.01
N LEU C 157 -11.64 -20.98 -11.30
CA LEU C 157 -10.94 -22.04 -12.01
C LEU C 157 -10.15 -22.86 -10.99
N ALA C 158 -10.55 -24.11 -10.83
CA ALA C 158 -9.93 -25.04 -9.90
C ALA C 158 -9.33 -26.22 -10.64
N GLY C 159 -8.37 -26.89 -9.99
CA GLY C 159 -7.71 -28.03 -10.59
C GLY C 159 -6.24 -28.13 -10.27
N HIS C 160 -5.61 -26.99 -9.97
CA HIS C 160 -4.21 -27.02 -9.56
C HIS C 160 -4.08 -27.52 -8.14
N THR C 161 -2.91 -28.07 -7.82
CA THR C 161 -2.61 -28.53 -6.47
C THR C 161 -1.66 -27.62 -5.71
N GLY C 162 -0.88 -26.80 -6.41
CA GLY C 162 -0.03 -25.82 -5.78
C GLY C 162 -0.58 -24.41 -5.92
N TYR C 163 0.18 -23.46 -5.39
CA TYR C 163 -0.23 -22.06 -5.45
C TYR C 163 -0.08 -21.52 -6.87
N LEU C 164 -0.84 -20.49 -7.18
CA LEU C 164 -0.87 -19.88 -8.50
C LEU C 164 0.05 -18.65 -8.49
N SER C 165 0.95 -18.59 -9.48
CA SER C 165 1.97 -17.55 -9.52
C SER C 165 1.77 -16.51 -10.60
N CYS C 166 1.12 -16.85 -11.71
CA CYS C 166 0.94 -15.91 -12.81
C CYS C 166 -0.17 -16.39 -13.72
N CYS C 167 -0.88 -15.42 -14.31
CA CYS C 167 -1.95 -15.70 -15.25
C CYS C 167 -1.96 -14.63 -16.33
N ARG C 168 -2.22 -15.04 -17.57
CA ARG C 168 -2.21 -14.13 -18.71
C ARG C 168 -3.34 -14.48 -19.67
N PHE C 169 -4.00 -13.45 -20.19
CA PHE C 169 -5.12 -13.65 -21.09
C PHE C 169 -4.65 -13.82 -22.54
N LEU C 170 -5.33 -14.71 -23.25
CA LEU C 170 -5.20 -14.85 -24.70
C LEU C 170 -6.35 -14.21 -25.43
N ASP C 171 -7.56 -14.37 -24.92
CA ASP C 171 -8.76 -13.68 -25.39
C ASP C 171 -9.76 -13.70 -24.24
N ASP C 172 -11.02 -13.39 -24.55
CA ASP C 172 -12.04 -13.40 -23.51
C ASP C 172 -12.38 -14.80 -23.02
N ASN C 173 -11.97 -15.85 -23.74
CA ASN C 173 -12.37 -17.22 -23.39
C ASN C 173 -11.21 -18.16 -23.09
N GLN C 174 -9.96 -17.72 -23.23
CA GLN C 174 -8.80 -18.56 -22.94
C GLN C 174 -7.84 -17.83 -22.01
N ILE C 175 -7.27 -18.58 -21.07
CA ILE C 175 -6.31 -18.05 -20.11
C ILE C 175 -5.26 -19.12 -19.83
N VAL C 176 -4.01 -18.69 -19.66
CA VAL C 176 -2.89 -19.57 -19.36
C VAL C 176 -2.41 -19.28 -17.95
N THR C 177 -2.25 -20.32 -17.14
CA THR C 177 -1.86 -20.18 -15.74
C THR C 177 -0.64 -21.04 -15.45
N SER C 178 0.14 -20.59 -14.47
CA SER C 178 1.32 -21.32 -13.99
C SER C 178 1.24 -21.46 -12.48
N SER C 179 1.66 -22.62 -11.98
CA SER C 179 1.54 -22.94 -10.56
C SER C 179 2.83 -23.56 -10.06
N GLY C 180 2.88 -23.77 -8.73
CA GLY C 180 4.01 -24.34 -8.05
C GLY C 180 4.07 -25.85 -8.04
N ASP C 181 3.15 -26.52 -8.71
CA ASP C 181 3.14 -27.97 -8.81
C ASP C 181 3.83 -28.47 -10.08
N THR C 182 4.71 -27.65 -10.66
CA THR C 182 5.57 -27.93 -11.81
C THR C 182 4.79 -28.02 -13.12
N THR C 183 3.49 -27.74 -13.12
CA THR C 183 2.67 -27.86 -14.31
C THR C 183 2.12 -26.51 -14.76
N CYS C 184 1.77 -26.43 -16.03
CA CYS C 184 1.09 -25.30 -16.62
C CYS C 184 -0.19 -25.78 -17.29
N ALA C 185 -1.15 -24.88 -17.45
CA ALA C 185 -2.45 -25.28 -17.96
C ALA C 185 -3.02 -24.22 -18.88
N LEU C 186 -3.86 -24.65 -19.82
CA LEU C 186 -4.64 -23.77 -20.68
C LEU C 186 -6.11 -24.05 -20.42
N TRP C 187 -6.88 -22.99 -20.15
CA TRP C 187 -8.23 -23.12 -19.65
C TRP C 187 -9.26 -22.63 -20.66
N ASP C 188 -10.48 -23.14 -20.53
CA ASP C 188 -11.64 -22.70 -21.28
C ASP C 188 -12.59 -22.01 -20.30
N ILE C 189 -12.67 -20.68 -20.39
CA ILE C 189 -13.44 -19.91 -19.41
C ILE C 189 -14.93 -20.23 -19.49
N GLU C 190 -15.43 -20.55 -20.67
CA GLU C 190 -16.87 -20.79 -20.83
C GLU C 190 -17.31 -22.02 -20.06
N THR C 191 -16.49 -23.07 -20.03
CA THR C 191 -16.84 -24.32 -19.37
C THR C 191 -16.06 -24.58 -18.09
N GLY C 192 -14.95 -23.89 -17.87
CA GLY C 192 -14.16 -24.09 -16.67
C GLY C 192 -13.38 -25.38 -16.64
N GLN C 193 -13.09 -25.96 -17.79
CA GLN C 193 -12.36 -27.22 -17.89
C GLN C 193 -10.97 -26.97 -18.46
N GLN C 194 -10.01 -27.78 -18.02
CA GLN C 194 -8.63 -27.67 -18.47
C GLN C 194 -8.47 -28.47 -19.76
N THR C 195 -7.95 -27.81 -20.80
CA THR C 195 -7.84 -28.44 -22.11
C THR C 195 -6.45 -28.97 -22.41
N THR C 196 -5.40 -28.34 -21.91
CA THR C 196 -4.04 -28.78 -22.16
C THR C 196 -3.20 -28.61 -20.90
N THR C 197 -2.43 -29.63 -20.56
CA THR C 197 -1.53 -29.61 -19.41
C THR C 197 -0.09 -29.70 -19.91
N PHE C 198 0.77 -28.83 -19.38
CA PHE C 198 2.16 -28.76 -19.77
C PHE C 198 3.03 -29.29 -18.63
N THR C 199 3.69 -30.41 -18.88
CA THR C 199 4.52 -31.08 -17.88
C THR C 199 5.95 -31.23 -18.40
N GLY C 200 6.89 -31.34 -17.47
CA GLY C 200 8.29 -31.47 -17.82
C GLY C 200 9.23 -30.74 -16.87
N HIS C 201 8.67 -29.84 -16.06
CA HIS C 201 9.46 -29.14 -15.07
C HIS C 201 9.64 -30.00 -13.82
N THR C 202 10.71 -29.71 -13.08
CA THR C 202 11.03 -30.40 -11.83
C THR C 202 10.89 -29.52 -10.61
N GLY C 203 10.60 -28.23 -10.79
CA GLY C 203 10.44 -27.32 -9.67
C GLY C 203 9.26 -26.40 -9.87
N ASP C 204 9.03 -25.54 -8.88
CA ASP C 204 7.91 -24.62 -8.93
C ASP C 204 8.08 -23.64 -10.09
N VAL C 205 6.98 -23.36 -10.77
CA VAL C 205 6.97 -22.47 -11.94
C VAL C 205 6.61 -21.07 -11.47
N MET C 206 7.45 -20.10 -11.83
CA MET C 206 7.33 -18.75 -11.28
C MET C 206 6.66 -17.77 -12.22
N SER C 207 7.17 -17.61 -13.44
CA SER C 207 6.75 -16.52 -14.31
C SER C 207 6.41 -17.03 -15.70
N LEU C 208 5.47 -16.34 -16.35
CA LEU C 208 5.06 -16.62 -17.71
C LEU C 208 5.21 -15.37 -18.58
N SER C 209 5.42 -15.60 -19.87
CA SER C 209 5.48 -14.50 -20.83
C SER C 209 4.85 -14.97 -22.14
N LEU C 210 3.92 -14.19 -22.66
CA LEU C 210 3.13 -14.56 -23.84
C LEU C 210 3.63 -13.80 -25.06
N ALA C 211 3.76 -14.52 -26.17
CA ALA C 211 4.26 -13.92 -27.40
C ALA C 211 3.23 -12.95 -27.99
N PRO C 212 3.69 -11.94 -28.75
CA PRO C 212 2.74 -11.05 -29.42
C PRO C 212 1.81 -11.76 -30.39
N ASP C 213 2.24 -12.86 -31.00
CA ASP C 213 1.44 -13.59 -31.97
C ASP C 213 0.49 -14.59 -31.31
N THR C 214 0.48 -14.67 -29.98
CA THR C 214 -0.43 -15.52 -29.23
C THR C 214 -0.35 -16.98 -29.67
N ARG C 215 0.87 -17.44 -29.95
CA ARG C 215 1.10 -18.81 -30.38
C ARG C 215 2.05 -19.58 -29.46
N LEU C 216 2.98 -18.90 -28.81
CA LEU C 216 3.95 -19.55 -27.93
C LEU C 216 4.02 -18.79 -26.61
N PHE C 217 4.40 -19.50 -25.55
CA PHE C 217 4.64 -18.87 -24.27
C PHE C 217 5.84 -19.52 -23.59
N VAL C 218 6.43 -18.79 -22.65
CA VAL C 218 7.68 -19.16 -22.01
C VAL C 218 7.46 -19.23 -20.51
N SER C 219 8.05 -20.23 -19.86
CA SER C 219 7.87 -20.44 -18.43
C SER C 219 9.23 -20.64 -17.77
N GLY C 220 9.44 -19.95 -16.65
CA GLY C 220 10.62 -20.17 -15.82
C GLY C 220 10.27 -20.95 -14.58
N ALA C 221 11.27 -21.57 -13.95
CA ALA C 221 11.01 -22.41 -12.79
C ALA C 221 12.21 -22.37 -11.86
N CYS C 222 12.04 -22.97 -10.68
CA CYS C 222 13.07 -23.00 -9.64
C CYS C 222 14.17 -24.00 -9.93
N ASP C 223 14.10 -24.74 -11.03
CA ASP C 223 15.13 -25.69 -11.41
C ASP C 223 16.23 -25.05 -12.24
N ALA C 224 16.27 -23.72 -12.31
CA ALA C 224 17.28 -22.98 -13.07
C ALA C 224 17.23 -23.34 -14.56
N SER C 225 16.03 -23.39 -15.11
CA SER C 225 15.83 -23.72 -16.52
C SER C 225 14.63 -22.96 -17.06
N ALA C 226 14.58 -22.84 -18.38
CA ALA C 226 13.47 -22.19 -19.07
C ALA C 226 13.07 -23.05 -20.26
N LYS C 227 11.77 -23.12 -20.53
CA LYS C 227 11.24 -23.94 -21.60
C LYS C 227 10.33 -23.12 -22.50
N LEU C 228 10.32 -23.47 -23.78
CA LEU C 228 9.42 -22.89 -24.76
C LEU C 228 8.32 -23.89 -25.08
N TRP C 229 7.07 -23.43 -25.00
CA TRP C 229 5.91 -24.31 -25.17
C TRP C 229 5.11 -23.90 -26.39
N ASP C 230 4.52 -24.90 -27.04
CA ASP C 230 3.58 -24.70 -28.14
C ASP C 230 2.18 -24.86 -27.61
N VAL C 231 1.38 -23.79 -27.71
CA VAL C 231 0.02 -23.81 -27.17
C VAL C 231 -0.86 -24.80 -27.92
N ARG C 232 -0.72 -24.86 -29.25
CA ARG C 232 -1.64 -25.63 -30.07
C ARG C 232 -1.47 -27.13 -29.91
N GLU C 233 -0.30 -27.60 -29.51
CA GLU C 233 -0.06 -29.03 -29.37
C GLU C 233 0.24 -29.47 -27.94
N GLY C 234 0.75 -28.59 -27.09
CA GLY C 234 1.05 -28.97 -25.73
C GLY C 234 2.37 -29.67 -25.55
N MET C 235 3.33 -29.45 -26.44
CA MET C 235 4.61 -30.12 -26.40
C MET C 235 5.72 -29.09 -26.22
N CYS C 236 6.73 -29.45 -25.43
CA CYS C 236 7.89 -28.59 -25.21
C CYS C 236 8.82 -28.66 -26.39
N ARG C 237 9.27 -27.50 -26.88
CA ARG C 237 10.12 -27.43 -28.05
C ARG C 237 11.60 -27.29 -27.72
N GLN C 238 11.96 -26.41 -26.79
CA GLN C 238 13.35 -26.18 -26.44
C GLN C 238 13.47 -25.96 -24.93
N THR C 239 14.65 -26.30 -24.40
CA THR C 239 14.95 -26.12 -22.99
C THR C 239 16.28 -25.38 -22.86
N PHE C 240 16.31 -24.35 -22.04
CA PHE C 240 17.49 -23.52 -21.84
C PHE C 240 17.97 -23.63 -20.40
N THR C 241 19.28 -23.57 -20.23
CA THR C 241 19.91 -23.65 -18.91
C THR C 241 20.97 -22.56 -18.81
N GLY C 242 21.59 -22.45 -17.63
CA GLY C 242 22.65 -21.49 -17.43
C GLY C 242 22.62 -20.80 -16.07
N HIS C 243 21.43 -20.61 -15.51
CA HIS C 243 21.31 -19.95 -14.23
C HIS C 243 21.73 -20.89 -13.10
N GLU C 244 22.19 -20.29 -12.00
CA GLU C 244 22.64 -21.04 -10.84
C GLU C 244 21.60 -21.09 -9.72
N SER C 245 20.46 -20.44 -9.87
CA SER C 245 19.47 -20.40 -8.80
C SER C 245 18.09 -20.22 -9.42
N ASP C 246 17.10 -19.95 -8.58
CA ASP C 246 15.71 -19.86 -9.02
C ASP C 246 15.51 -18.66 -9.95
N ILE C 247 14.65 -18.84 -10.94
CA ILE C 247 14.31 -17.79 -11.90
C ILE C 247 13.00 -17.14 -11.46
N ASN C 248 13.02 -15.82 -11.29
CA ASN C 248 11.89 -15.10 -10.75
C ASN C 248 11.07 -14.32 -11.76
N ALA C 249 11.66 -13.90 -12.88
CA ALA C 249 10.93 -13.10 -13.85
C ALA C 249 11.43 -13.39 -15.25
N ILE C 250 10.49 -13.38 -16.21
CA ILE C 250 10.78 -13.62 -17.61
C ILE C 250 10.04 -12.59 -18.46
N CYS C 251 10.75 -12.00 -19.41
CA CYS C 251 10.19 -11.03 -20.34
C CYS C 251 10.41 -11.51 -21.77
N PHE C 252 9.65 -10.92 -22.70
CA PHE C 252 9.64 -11.36 -24.09
C PHE C 252 9.98 -10.17 -24.99
N PHE C 253 11.02 -10.34 -25.81
CA PHE C 253 11.42 -9.31 -26.75
C PHE C 253 10.27 -9.04 -27.74
N PRO C 254 10.12 -7.78 -28.18
CA PRO C 254 8.99 -7.46 -29.08
C PRO C 254 8.96 -8.25 -30.38
N ASN C 255 10.12 -8.65 -30.92
CA ASN C 255 10.12 -9.33 -32.22
C ASN C 255 9.80 -10.82 -32.11
N GLY C 256 9.69 -11.37 -30.91
CA GLY C 256 9.32 -12.74 -30.73
C GLY C 256 10.44 -13.76 -30.79
N ASN C 257 11.70 -13.32 -30.78
CA ASN C 257 12.84 -14.22 -30.96
C ASN C 257 13.85 -14.14 -29.82
N ALA C 258 13.48 -13.57 -28.67
CA ALA C 258 14.44 -13.46 -27.59
C ALA C 258 13.75 -13.51 -26.24
N PHE C 259 14.49 -13.96 -25.23
CA PHE C 259 14.05 -14.03 -23.85
C PHE C 259 14.80 -13.03 -23.01
N ALA C 260 14.17 -12.60 -21.92
CA ALA C 260 14.83 -11.83 -20.87
C ALA C 260 14.46 -12.43 -19.53
N THR C 261 15.46 -12.90 -18.80
CA THR C 261 15.22 -13.65 -17.56
C THR C 261 16.05 -13.08 -16.42
N GLY C 262 15.54 -13.20 -15.20
CA GLY C 262 16.26 -12.80 -14.02
C GLY C 262 16.20 -13.89 -12.97
N SER C 263 17.19 -13.88 -12.08
CA SER C 263 17.31 -14.91 -11.07
C SER C 263 17.84 -14.30 -9.77
N ASP C 264 17.89 -15.13 -8.73
CA ASP C 264 18.30 -14.68 -7.40
C ASP C 264 19.82 -14.56 -7.25
N ASP C 265 20.59 -14.95 -8.25
CA ASP C 265 22.04 -14.82 -8.23
C ASP C 265 22.52 -13.48 -8.75
N ALA C 266 21.63 -12.49 -8.86
CA ALA C 266 21.97 -11.14 -9.31
C ALA C 266 22.49 -11.14 -10.74
N THR C 267 21.85 -11.92 -11.61
CA THR C 267 22.29 -12.05 -13.00
C THR C 267 21.08 -11.99 -13.92
N CYS C 268 21.22 -11.24 -15.01
CA CYS C 268 20.25 -11.23 -16.09
C CYS C 268 20.89 -11.82 -17.34
N ARG C 269 20.08 -12.52 -18.14
CA ARG C 269 20.59 -13.22 -19.30
C ARG C 269 19.66 -12.99 -20.50
N LEU C 270 20.23 -13.03 -21.69
CA LEU C 270 19.51 -12.88 -22.94
C LEU C 270 19.64 -14.19 -23.72
N PHE C 271 18.50 -14.75 -24.11
CA PHE C 271 18.46 -16.00 -24.87
C PHE C 271 17.86 -15.76 -26.24
N ASP C 272 18.29 -16.56 -27.21
CA ASP C 272 17.77 -16.50 -28.57
C ASP C 272 17.10 -17.82 -28.92
N LEU C 273 15.96 -17.73 -29.60
CA LEU C 273 15.21 -18.92 -30.00
C LEU C 273 15.70 -19.53 -31.31
N ARG C 274 16.56 -18.84 -32.05
CA ARG C 274 17.10 -19.37 -33.29
C ARG C 274 18.54 -19.85 -33.18
N ALA C 275 19.37 -19.19 -32.39
CA ALA C 275 20.72 -19.68 -32.11
C ALA C 275 20.74 -20.72 -31.00
N ASP C 276 19.67 -20.83 -30.22
CA ASP C 276 19.52 -21.86 -29.19
C ASP C 276 20.67 -21.81 -28.18
N GLN C 277 21.01 -20.60 -27.75
CA GLN C 277 22.07 -20.41 -26.76
C GLN C 277 22.00 -18.98 -26.24
N GLU C 278 22.79 -18.71 -25.20
CA GLU C 278 22.81 -17.41 -24.54
C GLU C 278 23.58 -16.39 -25.37
N LEU C 279 23.16 -15.12 -25.25
CA LEU C 279 23.75 -14.03 -26.02
C LEU C 279 24.54 -13.04 -25.17
N MET C 280 24.00 -12.63 -24.02
CA MET C 280 24.65 -11.59 -23.22
C MET C 280 24.23 -11.76 -21.76
N THR C 281 25.15 -11.39 -20.87
CA THR C 281 24.95 -11.49 -19.43
C THR C 281 25.03 -10.10 -18.80
N TYR C 282 24.05 -9.78 -17.96
CA TYR C 282 23.97 -8.48 -17.29
C TYR C 282 24.25 -8.69 -15.80
N SER C 283 25.39 -8.20 -15.33
CA SER C 283 25.76 -8.37 -13.94
C SER C 283 26.77 -7.30 -13.56
N HIS C 284 26.97 -7.13 -12.25
CA HIS C 284 27.93 -6.16 -11.73
C HIS C 284 28.41 -6.64 -10.38
N ASP C 285 29.64 -6.24 -10.03
CA ASP C 285 30.25 -6.71 -8.80
C ASP C 285 29.58 -6.13 -7.56
N ASN C 286 28.95 -4.97 -7.68
CA ASN C 286 28.32 -4.31 -6.54
C ASN C 286 26.90 -4.78 -6.29
N ILE C 287 26.39 -5.73 -7.06
CA ILE C 287 25.02 -6.22 -6.94
C ILE C 287 25.08 -7.61 -6.34
N ILE C 288 24.50 -7.77 -5.15
CA ILE C 288 24.47 -9.05 -4.46
C ILE C 288 23.05 -9.42 -4.03
N CYS C 289 22.04 -8.80 -4.62
CA CYS C 289 20.65 -9.02 -4.26
C CYS C 289 19.91 -9.69 -5.41
N GLY C 290 18.69 -10.14 -5.11
CA GLY C 290 17.89 -10.80 -6.12
C GLY C 290 17.23 -9.84 -7.10
N ILE C 291 16.63 -10.42 -8.13
CA ILE C 291 15.93 -9.69 -9.17
C ILE C 291 14.47 -10.12 -9.16
N THR C 292 13.56 -9.14 -9.15
CA THR C 292 12.14 -9.44 -8.99
C THR C 292 11.32 -9.24 -10.26
N SER C 293 11.73 -8.37 -11.17
CA SER C 293 10.95 -8.09 -12.36
C SER C 293 11.86 -7.67 -13.50
N VAL C 294 11.46 -8.01 -14.72
CA VAL C 294 12.18 -7.66 -15.93
C VAL C 294 11.18 -7.21 -16.98
N SER C 295 11.50 -6.13 -17.68
CA SER C 295 10.59 -5.59 -18.68
C SER C 295 11.39 -4.87 -19.76
N PHE C 296 10.76 -4.70 -20.92
CA PHE C 296 11.40 -4.10 -22.09
C PHE C 296 10.70 -2.80 -22.47
N SER C 297 11.42 -1.98 -23.23
CA SER C 297 10.83 -0.80 -23.85
C SER C 297 10.21 -1.19 -25.19
N LYS C 298 9.62 -0.20 -25.88
CA LYS C 298 9.00 -0.47 -27.17
C LYS C 298 10.04 -0.92 -28.20
N SER C 299 11.15 -0.18 -28.31
CA SER C 299 12.16 -0.50 -29.30
C SER C 299 13.10 -1.62 -28.87
N GLY C 300 13.07 -2.02 -27.61
CA GLY C 300 13.94 -3.07 -27.11
C GLY C 300 15.34 -2.62 -26.77
N ARG C 301 15.63 -1.32 -26.86
CA ARG C 301 16.97 -0.83 -26.57
C ARG C 301 17.23 -0.80 -25.06
N LEU C 302 16.21 -0.50 -24.27
CA LEU C 302 16.35 -0.42 -22.82
C LEU C 302 15.79 -1.66 -22.15
N LEU C 303 16.50 -2.17 -21.15
CA LEU C 303 16.05 -3.28 -20.33
C LEU C 303 15.94 -2.80 -18.90
N LEU C 304 14.76 -2.94 -18.30
CA LEU C 304 14.48 -2.49 -16.94
C LEU C 304 14.42 -3.71 -16.02
N ALA C 305 14.98 -3.56 -14.82
CA ALA C 305 15.03 -4.65 -13.86
C ALA C 305 14.84 -4.11 -12.46
N GLY C 306 14.10 -4.87 -11.64
CA GLY C 306 13.89 -4.54 -10.25
C GLY C 306 14.82 -5.35 -9.36
N TYR C 307 15.27 -4.74 -8.27
CA TYR C 307 16.23 -5.34 -7.37
C TYR C 307 15.73 -5.25 -5.94
N ASP C 308 16.36 -6.04 -5.07
CA ASP C 308 16.10 -5.97 -3.64
C ASP C 308 16.87 -4.86 -2.93
N ASP C 309 17.72 -4.13 -3.65
CA ASP C 309 18.47 -3.00 -3.11
C ASP C 309 17.61 -1.73 -3.03
N PHE C 310 16.29 -1.87 -3.14
CA PHE C 310 15.32 -0.78 -2.99
C PHE C 310 15.37 0.22 -4.13
N ASN C 311 15.81 -0.21 -5.32
CA ASN C 311 15.89 0.68 -6.47
C ASN C 311 15.73 -0.15 -7.74
N CYS C 312 15.64 0.54 -8.87
CA CYS C 312 15.52 -0.07 -10.18
C CYS C 312 16.59 0.47 -11.10
N ASN C 313 17.22 -0.42 -11.87
CA ASN C 313 18.29 -0.05 -12.77
C ASN C 313 17.82 -0.10 -14.22
N VAL C 314 18.43 0.73 -15.06
CA VAL C 314 18.14 0.79 -16.48
C VAL C 314 19.36 0.26 -17.23
N TRP C 315 19.15 -0.77 -18.05
CA TRP C 315 20.24 -1.45 -18.73
C TRP C 315 20.15 -1.24 -20.24
N ASP C 316 21.31 -1.27 -20.89
CA ASP C 316 21.40 -1.23 -22.34
C ASP C 316 21.40 -2.66 -22.87
N ALA C 317 20.36 -3.02 -23.62
CA ALA C 317 20.19 -4.42 -24.03
C ALA C 317 21.30 -4.86 -24.97
N LEU C 318 21.86 -3.95 -25.76
CA LEU C 318 22.88 -4.29 -26.74
C LEU C 318 24.31 -4.14 -26.24
N LYS C 319 24.50 -3.58 -25.04
CA LYS C 319 25.84 -3.34 -24.51
C LYS C 319 26.06 -3.85 -23.09
N ALA C 320 25.01 -4.25 -22.37
CA ALA C 320 25.12 -4.71 -20.98
C ALA C 320 25.75 -3.64 -20.09
N ASP C 321 25.38 -2.38 -20.34
CA ASP C 321 25.84 -1.26 -19.55
C ASP C 321 24.70 -0.75 -18.66
N ARG C 322 25.00 0.24 -17.84
CA ARG C 322 24.03 0.85 -16.94
C ARG C 322 23.78 2.28 -17.39
N ALA C 323 22.53 2.58 -17.76
CA ALA C 323 22.18 3.91 -18.25
C ALA C 323 21.63 4.83 -17.17
N GLY C 324 21.05 4.28 -16.11
CA GLY C 324 20.44 5.12 -15.09
C GLY C 324 19.88 4.27 -13.97
N VAL C 325 19.20 4.95 -13.05
CA VAL C 325 18.66 4.30 -11.86
C VAL C 325 17.47 5.10 -11.35
N LEU C 326 16.46 4.39 -10.86
CA LEU C 326 15.31 4.98 -10.19
C LEU C 326 15.36 4.56 -8.72
N ALA C 327 15.38 5.54 -7.82
CA ALA C 327 15.62 5.28 -6.40
C ALA C 327 14.62 6.05 -5.54
N GLY C 328 13.33 5.93 -5.88
CA GLY C 328 12.31 6.64 -5.13
C GLY C 328 11.55 5.78 -4.14
N HIS C 329 11.92 4.52 -4.01
CA HIS C 329 11.23 3.59 -3.12
C HIS C 329 12.04 3.33 -1.85
N ASP C 330 11.33 2.98 -0.79
CA ASP C 330 11.93 2.73 0.51
C ASP C 330 11.93 1.25 0.89
N ASN C 331 11.62 0.36 -0.04
CA ASN C 331 11.56 -1.07 0.26
C ASN C 331 11.73 -1.84 -1.06
N ARG C 332 11.54 -3.15 -0.98
CA ARG C 332 11.72 -4.00 -2.15
C ARG C 332 10.76 -3.60 -3.27
N VAL C 333 11.26 -3.60 -4.50
CA VAL C 333 10.44 -3.39 -5.67
C VAL C 333 9.94 -4.73 -6.17
N SER C 334 8.62 -4.87 -6.30
CA SER C 334 8.02 -6.13 -6.70
C SER C 334 7.29 -6.08 -8.04
N CYS C 335 6.98 -4.89 -8.56
CA CYS C 335 6.23 -4.74 -9.79
C CYS C 335 6.96 -3.81 -10.75
N LEU C 336 6.81 -4.08 -12.04
CA LEU C 336 7.42 -3.26 -13.08
C LEU C 336 6.68 -3.49 -14.38
N GLY C 337 6.36 -2.41 -15.09
CA GLY C 337 5.63 -2.53 -16.34
C GLY C 337 5.81 -1.30 -17.21
N VAL C 338 5.57 -1.50 -18.50
CA VAL C 338 5.69 -0.44 -19.50
C VAL C 338 4.40 -0.41 -20.32
N THR C 339 3.95 0.80 -20.64
CA THR C 339 2.72 0.97 -21.39
C THR C 339 2.92 0.58 -22.85
N ASP C 340 1.80 0.37 -23.55
CA ASP C 340 1.87 -0.05 -24.95
C ASP C 340 2.41 1.06 -25.84
N ASP C 341 2.18 2.32 -25.47
CA ASP C 341 2.71 3.44 -26.24
C ASP C 341 4.10 3.86 -25.76
N GLY C 342 4.61 3.27 -24.69
CA GLY C 342 5.97 3.50 -24.27
C GLY C 342 6.24 4.82 -23.57
N MET C 343 5.19 5.57 -23.23
CA MET C 343 5.36 6.90 -22.66
C MET C 343 5.37 6.91 -21.14
N ALA C 344 5.30 5.76 -20.48
CA ALA C 344 5.32 5.73 -19.03
C ALA C 344 5.86 4.40 -18.55
N VAL C 345 6.43 4.41 -17.35
CA VAL C 345 6.89 3.21 -16.66
C VAL C 345 6.37 3.25 -15.24
N ALA C 346 5.80 2.13 -14.79
CA ALA C 346 5.20 2.04 -13.46
C ALA C 346 5.95 1.03 -12.62
N THR C 347 6.08 1.33 -11.33
CA THR C 347 6.76 0.46 -10.39
C THR C 347 5.89 0.28 -9.15
N GLY C 348 6.10 -0.84 -8.47
CA GLY C 348 5.41 -1.10 -7.22
C GLY C 348 6.37 -1.69 -6.20
N SER C 349 6.13 -1.35 -4.94
CA SER C 349 7.03 -1.72 -3.86
C SER C 349 6.22 -2.15 -2.65
N TRP C 350 6.92 -2.62 -1.62
CA TRP C 350 6.28 -3.07 -0.39
C TRP C 350 5.91 -1.93 0.55
N ASP C 351 6.20 -0.69 0.17
CA ASP C 351 5.83 0.47 0.98
C ASP C 351 4.42 0.96 0.70
N SER C 352 3.64 0.21 -0.10
CA SER C 352 2.25 0.48 -0.41
C SER C 352 2.06 1.69 -1.31
N PHE C 353 3.07 2.05 -2.11
CA PHE C 353 2.99 3.18 -3.01
C PHE C 353 3.27 2.75 -4.44
N LEU C 354 2.61 3.40 -5.39
CA LEU C 354 2.86 3.24 -6.81
C LEU C 354 3.37 4.55 -7.38
N LYS C 355 4.32 4.44 -8.31
CA LYS C 355 4.93 5.61 -8.92
C LYS C 355 4.96 5.45 -10.44
N ILE C 356 4.70 6.56 -11.14
CA ILE C 356 4.71 6.60 -12.59
C ILE C 356 5.89 7.46 -13.02
N TRP C 357 6.75 6.89 -13.86
CA TRP C 357 7.99 7.54 -14.27
C TRP C 357 7.94 7.92 -15.74
N ASN C 358 8.56 9.05 -16.07
CA ASN C 358 8.61 9.55 -17.43
C ASN C 358 9.86 10.42 -17.61
N VAL D 16 14.79 -39.26 -23.41
CA VAL D 16 15.53 -39.59 -24.62
C VAL D 16 14.81 -39.02 -25.84
N GLU D 17 13.48 -39.21 -25.88
CA GLU D 17 12.71 -38.71 -27.01
C GLU D 17 12.74 -37.19 -27.09
N GLN D 18 12.66 -36.51 -25.94
CA GLN D 18 12.68 -35.06 -25.94
C GLN D 18 14.03 -34.52 -26.44
N LEU D 19 15.13 -35.14 -26.01
CA LEU D 19 16.44 -34.71 -26.47
C LEU D 19 16.60 -34.95 -27.96
N LYS D 20 16.12 -36.10 -28.45
CA LYS D 20 16.20 -36.38 -29.88
C LYS D 20 15.38 -35.38 -30.69
N MET D 21 14.19 -35.04 -30.20
CA MET D 21 13.36 -34.06 -30.90
C MET D 21 14.01 -32.69 -30.89
N GLU D 22 14.61 -32.30 -29.77
CA GLU D 22 15.30 -31.01 -29.70
C GLU D 22 16.55 -30.98 -30.58
N ALA D 23 17.15 -32.14 -30.84
CA ALA D 23 18.35 -32.19 -31.67
C ALA D 23 18.06 -31.79 -33.12
N ASN D 24 16.83 -31.99 -33.58
CA ASN D 24 16.47 -31.74 -34.98
C ASN D 24 15.94 -30.32 -35.14
N ILE D 25 16.84 -29.36 -34.93
CA ILE D 25 16.55 -27.94 -35.07
C ILE D 25 17.47 -27.35 -36.13
N ASP D 26 16.89 -26.59 -37.07
CA ASP D 26 17.67 -25.89 -38.07
C ASP D 26 18.19 -24.59 -37.47
N ARG D 27 19.48 -24.54 -37.19
CA ARG D 27 20.08 -23.41 -36.51
C ARG D 27 20.78 -22.48 -37.49
N ILE D 28 20.95 -21.23 -37.07
CA ILE D 28 21.65 -20.21 -37.84
C ILE D 28 22.82 -19.69 -36.99
N LYS D 29 23.62 -18.82 -37.60
CA LYS D 29 24.74 -18.23 -36.90
C LYS D 29 24.25 -17.22 -35.86
N VAL D 30 25.04 -17.07 -34.79
CA VAL D 30 24.73 -16.08 -33.77
C VAL D 30 24.85 -14.67 -34.35
N SER D 31 25.79 -14.47 -35.26
CA SER D 31 26.00 -13.16 -35.88
C SER D 31 24.76 -12.70 -36.63
N LYS D 32 24.09 -13.61 -37.34
CA LYS D 32 22.89 -13.23 -38.07
C LYS D 32 21.78 -12.77 -37.13
N ALA D 33 21.55 -13.53 -36.06
CA ALA D 33 20.51 -13.17 -35.10
C ALA D 33 20.84 -11.87 -34.38
N ALA D 34 22.12 -11.64 -34.07
CA ALA D 34 22.51 -10.40 -33.42
C ALA D 34 22.37 -9.21 -34.36
N ALA D 35 22.70 -9.40 -35.64
CA ALA D 35 22.52 -8.33 -36.61
C ALA D 35 21.05 -8.01 -36.79
N ASP D 36 20.19 -9.03 -36.76
CA ASP D 36 18.75 -8.79 -36.83
C ASP D 36 18.27 -8.01 -35.61
N LEU D 37 18.78 -8.35 -34.43
CA LEU D 37 18.42 -7.59 -33.23
C LEU D 37 18.86 -6.14 -33.34
N MET D 38 20.10 -5.91 -33.79
CA MET D 38 20.57 -4.54 -33.97
C MET D 38 19.72 -3.79 -34.98
N ALA D 39 19.36 -4.44 -36.08
CA ALA D 39 18.54 -3.81 -37.12
C ALA D 39 17.16 -3.44 -36.58
N TYR D 40 16.56 -4.33 -35.79
CA TYR D 40 15.27 -4.01 -35.19
C TYR D 40 15.39 -2.84 -34.24
N CYS D 41 16.45 -2.81 -33.43
CA CYS D 41 16.63 -1.70 -32.50
C CYS D 41 16.80 -0.38 -33.23
N GLU D 42 17.57 -0.38 -34.32
CA GLU D 42 17.79 0.85 -35.08
C GLU D 42 16.53 1.27 -35.83
N ALA D 43 15.73 0.31 -36.30
CA ALA D 43 14.61 0.63 -37.18
C ALA D 43 13.55 1.45 -36.48
N HIS D 44 13.26 1.14 -35.22
CA HIS D 44 12.21 1.81 -34.46
C HIS D 44 12.77 2.76 -33.40
N ALA D 45 13.98 3.28 -33.61
CA ALA D 45 14.58 4.18 -32.63
C ALA D 45 13.79 5.46 -32.49
N LYS D 46 13.29 6.00 -33.60
CA LYS D 46 12.57 7.27 -33.56
C LYS D 46 11.23 7.18 -32.86
N GLU D 47 10.69 5.98 -32.69
CA GLU D 47 9.36 5.80 -32.09
C GLU D 47 9.40 5.57 -30.59
N ASP D 48 10.58 5.61 -29.98
CA ASP D 48 10.70 5.37 -28.54
C ASP D 48 10.78 6.71 -27.80
N PRO D 49 9.78 7.08 -27.02
CA PRO D 49 9.84 8.36 -26.29
C PRO D 49 10.71 8.33 -25.04
N LEU D 50 11.18 7.16 -24.62
CA LEU D 50 12.04 7.06 -23.44
C LEU D 50 13.52 7.10 -23.79
N LEU D 51 13.89 6.69 -24.99
CA LEU D 51 15.29 6.69 -25.41
C LEU D 51 15.74 8.09 -25.83
N ALA D 56 7.74 18.99 -23.70
CA ALA D 56 6.80 19.25 -22.62
C ALA D 56 5.37 19.34 -23.15
N SER D 57 5.25 19.80 -24.40
CA SER D 57 3.93 19.94 -25.01
C SER D 57 3.34 18.60 -25.44
N GLU D 58 4.15 17.55 -25.54
CA GLU D 58 3.67 16.24 -25.95
C GLU D 58 3.51 15.28 -24.79
N ASN D 59 4.18 15.52 -23.66
CA ASN D 59 4.10 14.61 -22.52
C ASN D 59 2.73 14.73 -21.86
N PRO D 60 1.96 13.65 -21.77
CA PRO D 60 0.66 13.73 -21.09
C PRO D 60 0.75 13.82 -19.58
N PHE D 61 1.93 13.58 -19.01
CA PHE D 61 2.09 13.65 -17.55
C PHE D 61 2.71 14.97 -17.13
N VAL E 2 -32.86 -4.12 -13.54
CA VAL E 2 -32.93 -2.72 -13.90
C VAL E 2 -34.37 -2.32 -14.19
N GLN E 3 -34.99 -1.62 -13.24
CA GLN E 3 -36.36 -1.17 -13.39
C GLN E 3 -36.59 0.03 -12.50
N LEU E 4 -37.25 1.06 -13.04
CA LEU E 4 -37.59 2.27 -12.30
C LEU E 4 -39.08 2.54 -12.47
N VAL E 5 -39.78 2.67 -11.34
CA VAL E 5 -41.22 2.91 -11.34
C VAL E 5 -41.49 4.16 -10.52
N GLU E 6 -42.23 5.11 -11.11
CA GLU E 6 -42.61 6.34 -10.44
C GLU E 6 -44.05 6.27 -9.99
N SER E 7 -44.38 7.05 -8.97
CA SER E 7 -45.72 7.05 -8.38
C SER E 7 -46.13 8.48 -8.07
N GLY E 8 -47.33 8.62 -7.50
CA GLY E 8 -47.86 9.93 -7.17
C GLY E 8 -48.63 10.54 -8.32
N GLY E 9 -48.80 11.86 -8.23
CA GLY E 9 -49.51 12.60 -9.25
C GLY E 9 -50.98 12.78 -8.95
N GLY E 10 -51.69 13.35 -9.91
CA GLY E 10 -53.11 13.60 -9.77
C GLY E 10 -53.50 15.03 -10.09
N LEU E 11 -54.67 15.44 -9.65
CA LEU E 11 -55.20 16.79 -9.91
C LEU E 11 -55.07 17.62 -8.64
N VAL E 12 -54.47 18.80 -8.77
CA VAL E 12 -54.29 19.72 -7.66
C VAL E 12 -54.74 21.12 -8.09
N GLN E 13 -55.01 21.96 -7.09
CA GLN E 13 -55.38 23.35 -7.30
C GLN E 13 -54.15 24.25 -7.15
N PRO E 14 -54.15 25.40 -7.81
CA PRO E 14 -53.02 26.32 -7.67
C PRO E 14 -52.83 26.75 -6.22
N GLY E 15 -51.56 26.83 -5.80
CA GLY E 15 -51.23 27.13 -4.44
C GLY E 15 -51.07 25.93 -3.53
N GLY E 16 -51.37 24.72 -4.03
CA GLY E 16 -51.26 23.51 -3.24
C GLY E 16 -49.86 22.91 -3.29
N SER E 17 -49.77 21.67 -2.83
CA SER E 17 -48.50 20.96 -2.79
C SER E 17 -48.75 19.48 -3.01
N ARG E 18 -47.71 18.79 -3.48
CA ARG E 18 -47.76 17.35 -3.68
C ARG E 18 -46.33 16.82 -3.69
N LYS E 19 -46.20 15.53 -3.34
CA LYS E 19 -44.91 14.88 -3.22
C LYS E 19 -44.88 13.65 -4.11
N LEU E 20 -43.81 13.51 -4.89
CA LEU E 20 -43.64 12.39 -5.80
C LEU E 20 -42.60 11.41 -5.26
N SER E 21 -42.71 10.16 -5.70
CA SER E 21 -41.81 9.11 -5.25
C SER E 21 -41.45 8.21 -6.42
N CYS E 22 -40.29 7.56 -6.31
CA CYS E 22 -39.80 6.63 -7.32
C CYS E 22 -39.17 5.43 -6.63
N SER E 23 -39.52 4.24 -7.09
CA SER E 23 -39.01 2.99 -6.51
C SER E 23 -38.03 2.36 -7.48
N ALA E 24 -36.82 2.09 -6.99
CA ALA E 24 -35.75 1.52 -7.79
C ALA E 24 -35.50 0.08 -7.38
N SER E 25 -35.19 -0.77 -8.36
CA SER E 25 -34.87 -2.17 -8.11
C SER E 25 -34.02 -2.71 -9.24
N GLY E 26 -33.31 -3.79 -8.96
CA GLY E 26 -32.51 -4.47 -9.96
C GLY E 26 -31.12 -3.92 -10.17
N PHE E 27 -30.65 -3.00 -9.33
CA PHE E 27 -29.31 -2.46 -9.47
C PHE E 27 -28.88 -1.83 -8.16
N ALA E 28 -27.59 -1.51 -8.07
CA ALA E 28 -27.00 -0.90 -6.87
C ALA E 28 -27.35 0.59 -6.86
N PHE E 29 -28.51 0.88 -6.26
CA PHE E 29 -29.03 2.24 -6.27
C PHE E 29 -28.07 3.24 -5.63
N SER E 30 -27.33 2.81 -4.61
CA SER E 30 -26.47 3.74 -3.87
C SER E 30 -25.27 4.23 -4.68
N SER E 31 -24.94 3.56 -5.78
CA SER E 31 -23.78 3.95 -6.59
C SER E 31 -24.14 4.84 -7.77
N PHE E 32 -25.42 5.17 -7.95
CA PHE E 32 -25.87 5.95 -9.10
C PHE E 32 -26.38 7.31 -8.67
N GLY E 33 -26.13 8.31 -9.52
CA GLY E 33 -26.79 9.59 -9.38
C GLY E 33 -28.12 9.62 -10.10
N MET E 34 -28.99 10.54 -9.67
CA MET E 34 -30.37 10.57 -10.16
C MET E 34 -30.73 11.96 -10.64
N HIS E 35 -31.57 12.00 -11.67
CA HIS E 35 -32.06 13.23 -12.25
C HIS E 35 -33.58 13.18 -12.36
N TRP E 36 -34.20 14.35 -12.38
CA TRP E 36 -35.62 14.49 -12.68
C TRP E 36 -35.76 15.32 -13.95
N VAL E 37 -36.52 14.79 -14.91
CA VAL E 37 -36.73 15.45 -16.19
C VAL E 37 -38.23 15.61 -16.42
N ARG E 38 -38.63 16.81 -16.84
CA ARG E 38 -40.03 17.15 -17.04
C ARG E 38 -40.30 17.40 -18.51
N GLN E 39 -41.42 16.89 -19.01
CA GLN E 39 -41.80 17.05 -20.41
C GLN E 39 -43.25 17.53 -20.48
N ALA E 40 -43.47 18.66 -21.16
CA ALA E 40 -44.75 19.29 -21.38
C ALA E 40 -45.36 18.85 -22.69
N PRO E 41 -46.70 18.92 -22.84
CA PRO E 41 -47.32 18.43 -24.08
C PRO E 41 -46.82 19.12 -25.34
N GLU E 42 -46.53 20.42 -25.29
CA GLU E 42 -46.13 21.15 -26.49
C GLU E 42 -44.85 21.96 -26.27
N LYS E 43 -43.99 21.52 -25.35
CA LYS E 43 -42.75 22.22 -25.08
C LYS E 43 -41.50 21.36 -25.22
N GLY E 44 -41.61 20.06 -25.01
CA GLY E 44 -40.45 19.18 -25.07
C GLY E 44 -39.91 18.84 -23.70
N LEU E 45 -38.64 18.48 -23.67
CA LEU E 45 -37.98 18.04 -22.46
C LEU E 45 -37.35 19.21 -21.72
N GLU E 46 -37.43 19.16 -20.39
CA GLU E 46 -36.85 20.19 -19.53
C GLU E 46 -36.20 19.52 -18.33
N TRP E 47 -35.07 20.07 -17.90
CA TRP E 47 -34.36 19.57 -16.73
C TRP E 47 -34.87 20.26 -15.47
N VAL E 48 -34.95 19.51 -14.38
CA VAL E 48 -35.52 20.03 -13.14
C VAL E 48 -34.47 20.07 -12.04
N ALA E 49 -33.95 18.91 -11.66
CA ALA E 49 -33.03 18.84 -10.52
C ALA E 49 -32.14 17.61 -10.66
N TYR E 50 -31.07 17.60 -9.88
CA TYR E 50 -30.11 16.51 -9.87
C TYR E 50 -29.56 16.33 -8.46
N ILE E 51 -29.41 15.09 -8.03
CA ILE E 51 -28.84 14.75 -6.73
C ILE E 51 -27.72 13.74 -6.94
N SER E 52 -26.59 13.95 -6.26
CA SER E 52 -25.46 13.06 -6.37
C SER E 52 -25.73 11.75 -5.63
N SER E 53 -24.88 10.76 -5.91
CA SER E 53 -25.05 9.44 -5.30
C SER E 53 -24.90 9.50 -3.79
N GLY E 54 -23.95 10.30 -3.29
CA GLY E 54 -23.70 10.44 -1.87
C GLY E 54 -24.37 11.62 -1.20
N SER E 55 -25.35 12.25 -1.85
CA SER E 55 -26.06 13.42 -1.32
C SER E 55 -25.12 14.61 -1.10
N GLY E 56 -23.99 14.62 -1.78
CA GLY E 56 -23.02 15.70 -1.66
C GLY E 56 -23.48 17.00 -2.29
N THR E 57 -23.77 16.98 -3.58
CA THR E 57 -24.13 18.18 -4.32
C THR E 57 -25.55 18.07 -4.87
N ILE E 58 -26.24 19.20 -4.88
CA ILE E 58 -27.62 19.29 -5.36
C ILE E 58 -27.74 20.53 -6.24
N TYR E 59 -28.40 20.38 -7.39
CA TYR E 59 -28.62 21.47 -8.30
C TYR E 59 -30.09 21.59 -8.62
N TYR E 60 -30.54 22.81 -8.94
CA TYR E 60 -31.92 23.08 -9.30
C TYR E 60 -31.96 23.97 -10.53
N ALA E 61 -33.06 23.86 -11.27
CA ALA E 61 -33.28 24.72 -12.41
C ALA E 61 -33.63 26.13 -11.94
N ASP E 62 -33.43 27.10 -12.83
CA ASP E 62 -33.65 28.51 -12.48
C ASP E 62 -35.13 28.86 -12.34
N THR E 63 -36.03 27.97 -12.74
CA THR E 63 -37.46 28.21 -12.61
C THR E 63 -38.09 27.44 -11.46
N VAL E 64 -37.30 26.68 -10.70
CA VAL E 64 -37.83 25.86 -9.62
C VAL E 64 -37.11 26.09 -8.29
N LYS E 65 -36.14 26.99 -8.24
CA LYS E 65 -35.43 27.24 -6.99
C LYS E 65 -36.37 27.88 -5.96
N GLY E 66 -36.30 27.37 -4.73
CA GLY E 66 -37.12 27.87 -3.65
C GLY E 66 -38.48 27.22 -3.53
N ARG E 67 -38.87 26.39 -4.48
CA ARG E 67 -40.16 25.70 -4.45
C ARG E 67 -40.05 24.19 -4.47
N PHE E 68 -39.01 23.63 -5.08
CA PHE E 68 -38.85 22.19 -5.21
C PHE E 68 -37.72 21.71 -4.31
N THR E 69 -37.91 20.55 -3.69
CA THR E 69 -36.91 19.94 -2.83
C THR E 69 -36.77 18.46 -3.19
N ILE E 70 -35.53 18.02 -3.37
CA ILE E 70 -35.22 16.66 -3.78
C ILE E 70 -34.43 15.97 -2.67
N SER E 71 -34.75 14.70 -2.42
CA SER E 71 -34.13 13.94 -1.35
C SER E 71 -33.90 12.51 -1.81
N ARG E 72 -33.03 11.81 -1.07
CA ARG E 72 -32.63 10.45 -1.38
C ARG E 72 -32.75 9.58 -0.14
N ASP E 73 -33.12 8.31 -0.35
CA ASP E 73 -33.24 7.34 0.74
C ASP E 73 -32.59 6.04 0.27
N ASP E 74 -31.30 5.90 0.53
CA ASP E 74 -30.56 4.70 0.09
C ASP E 74 -31.07 3.41 0.73
N PRO E 75 -31.29 3.32 2.05
CA PRO E 75 -31.75 2.04 2.61
C PRO E 75 -33.06 1.54 2.05
N LYS E 76 -33.93 2.43 1.56
CA LYS E 76 -35.21 2.03 0.99
C LYS E 76 -35.22 2.10 -0.53
N ASN E 77 -34.13 2.55 -1.15
CA ASN E 77 -34.03 2.63 -2.62
C ASN E 77 -35.18 3.45 -3.21
N THR E 78 -35.45 4.60 -2.60
CA THR E 78 -36.55 5.45 -2.99
C THR E 78 -36.08 6.89 -3.16
N LEU E 79 -36.74 7.61 -4.06
CA LEU E 79 -36.51 9.03 -4.26
C LEU E 79 -37.77 9.81 -3.92
N PHE E 80 -37.58 11.09 -3.57
CA PHE E 80 -38.68 11.97 -3.26
C PHE E 80 -38.42 13.35 -3.84
N LEU E 81 -39.50 14.00 -4.30
CA LEU E 81 -39.44 15.36 -4.81
C LEU E 81 -40.59 16.14 -4.21
N GLN E 82 -40.28 17.15 -3.39
CA GLN E 82 -41.28 17.94 -2.70
C GLN E 82 -41.53 19.23 -3.48
N MET E 83 -42.80 19.47 -3.82
CA MET E 83 -43.20 20.60 -4.63
C MET E 83 -44.21 21.44 -3.87
N THR E 84 -44.00 22.75 -3.84
CA THR E 84 -44.88 23.67 -3.14
C THR E 84 -45.20 24.87 -4.03
N SER E 85 -46.36 25.48 -3.78
CA SER E 85 -46.86 26.63 -4.53
C SER E 85 -46.87 26.34 -6.02
N LEU E 86 -47.58 25.28 -6.38
CA LEU E 86 -47.64 24.84 -7.78
C LEU E 86 -48.37 25.88 -8.63
N ARG E 87 -47.92 26.03 -9.87
CA ARG E 87 -48.51 26.95 -10.83
C ARG E 87 -49.06 26.18 -12.02
N SER E 88 -49.74 26.90 -12.91
CA SER E 88 -50.31 26.27 -14.09
C SER E 88 -49.22 25.78 -15.04
N GLU E 89 -48.03 26.36 -14.98
CA GLU E 89 -46.95 25.95 -15.87
C GLU E 89 -46.30 24.63 -15.45
N ASP E 90 -46.65 24.08 -14.30
CA ASP E 90 -46.06 22.84 -13.81
C ASP E 90 -46.79 21.60 -14.30
N THR E 91 -47.89 21.75 -15.02
CA THR E 91 -48.62 20.59 -15.53
C THR E 91 -47.83 19.97 -16.68
N ALA E 92 -47.26 18.80 -16.43
CA ALA E 92 -46.40 18.13 -17.40
C ALA E 92 -46.04 16.74 -16.86
N MET E 93 -45.40 15.95 -17.70
CA MET E 93 -44.94 14.62 -17.33
C MET E 93 -43.55 14.72 -16.71
N TYR E 94 -43.33 13.94 -15.65
CA TYR E 94 -42.05 13.92 -14.94
C TYR E 94 -41.42 12.54 -15.09
N TYR E 95 -40.13 12.52 -15.44
CA TYR E 95 -39.38 11.29 -15.63
C TYR E 95 -38.21 11.22 -14.67
N CYS E 96 -37.81 9.99 -14.34
CA CYS E 96 -36.66 9.74 -13.49
C CYS E 96 -35.56 9.07 -14.31
N VAL E 97 -34.33 9.55 -14.16
CA VAL E 97 -33.21 9.10 -14.97
C VAL E 97 -32.05 8.70 -14.06
N ARG E 98 -31.38 7.61 -14.41
CA ARG E 98 -30.24 7.10 -13.66
C ARG E 98 -28.93 7.55 -14.30
N SER E 99 -27.95 7.90 -13.46
CA SER E 99 -26.68 8.41 -13.97
C SER E 99 -25.54 7.90 -13.09
N ILE E 100 -24.42 7.58 -13.75
CA ILE E 100 -23.18 7.23 -13.06
C ILE E 100 -22.03 7.86 -13.84
N TYR E 101 -21.05 8.40 -13.12
CA TYR E 101 -19.97 9.16 -13.72
C TYR E 101 -18.63 8.56 -13.35
N TYR E 102 -17.93 8.02 -14.34
CA TYR E 102 -16.53 7.62 -14.24
C TYR E 102 -16.02 7.43 -15.66
N TYR E 103 -14.72 7.17 -15.77
CA TYR E 103 -14.08 7.07 -17.08
C TYR E 103 -14.71 5.94 -17.89
N GLY E 104 -15.36 6.29 -19.01
CA GLY E 104 -15.96 5.32 -19.89
C GLY E 104 -17.40 4.97 -19.59
N SER E 105 -18.04 5.65 -18.65
CA SER E 105 -19.39 5.31 -18.25
C SER E 105 -20.41 5.89 -19.23
N SER E 106 -21.67 5.49 -19.06
CA SER E 106 -22.79 5.99 -19.85
C SER E 106 -23.80 6.64 -18.91
N PRO E 107 -23.80 7.96 -18.79
CA PRO E 107 -24.56 8.63 -17.72
C PRO E 107 -26.06 8.76 -17.95
N PHE E 108 -26.58 8.41 -19.12
CA PHE E 108 -28.01 8.57 -19.40
C PHE E 108 -28.57 7.32 -20.07
N ASP E 109 -28.31 6.16 -19.47
CA ASP E 109 -28.63 4.89 -20.12
C ASP E 109 -30.07 4.45 -19.90
N PHE E 110 -30.69 4.78 -18.77
CA PHE E 110 -31.99 4.22 -18.41
C PHE E 110 -32.96 5.31 -18.02
N TRP E 111 -34.20 5.20 -18.50
CA TRP E 111 -35.27 6.13 -18.19
C TRP E 111 -36.45 5.38 -17.59
N GLY E 112 -37.23 6.07 -16.76
CA GLY E 112 -38.40 5.49 -16.14
C GLY E 112 -39.62 5.55 -17.05
N GLN E 113 -40.79 5.46 -16.44
CA GLN E 113 -42.05 5.48 -17.17
C GLN E 113 -42.80 6.80 -17.05
N GLY E 114 -42.77 7.44 -15.89
CA GLY E 114 -43.31 8.77 -15.73
C GLY E 114 -44.71 8.77 -15.13
N THR E 115 -45.06 9.90 -14.51
CA THR E 115 -46.37 10.12 -13.95
C THR E 115 -46.87 11.50 -14.38
N THR E 116 -48.19 11.69 -14.30
CA THR E 116 -48.84 12.90 -14.77
C THR E 116 -49.32 13.74 -13.61
N LEU E 117 -49.07 15.04 -13.69
CA LEU E 117 -49.52 16.01 -12.69
C LEU E 117 -50.30 17.11 -13.40
N THR E 118 -51.49 17.42 -12.89
CA THR E 118 -52.38 18.40 -13.49
C THR E 118 -52.66 19.51 -12.49
N VAL E 119 -52.57 20.76 -12.94
CA VAL E 119 -52.85 21.93 -12.12
C VAL E 119 -54.05 22.66 -12.73
N SER E 120 -55.06 22.93 -11.90
CA SER E 120 -56.27 23.62 -12.33
C SER E 120 -56.94 22.91 -13.51
N SER E 136 -26.63 33.48 -20.78
CA SER E 136 -25.61 32.64 -20.17
C SER E 136 -25.83 31.16 -20.51
N ASP E 137 -27.09 30.77 -20.55
CA ASP E 137 -27.44 29.39 -20.90
C ASP E 137 -27.08 29.10 -22.36
N ILE E 138 -26.66 27.86 -22.60
CA ILE E 138 -26.31 27.43 -23.96
C ILE E 138 -27.58 27.08 -24.71
N VAL E 139 -27.76 27.68 -25.87
CA VAL E 139 -28.96 27.48 -26.68
C VAL E 139 -28.70 26.35 -27.67
N MET E 140 -29.54 25.33 -27.62
CA MET E 140 -29.49 24.23 -28.59
C MET E 140 -30.60 24.44 -29.60
N THR E 141 -30.23 24.48 -30.88
CA THR E 141 -31.14 24.86 -31.95
C THR E 141 -31.29 23.72 -32.95
N GLN E 142 -32.53 23.33 -33.19
CA GLN E 142 -32.91 22.47 -34.30
C GLN E 142 -33.99 23.17 -35.10
N ALA E 143 -33.97 22.97 -36.42
CA ALA E 143 -35.00 23.61 -37.24
C ALA E 143 -35.38 22.62 -38.35
N THR E 144 -36.39 21.80 -38.05
CA THR E 144 -37.19 21.05 -39.01
C THR E 144 -38.36 20.48 -38.23
N SER E 145 -39.57 20.61 -38.78
CA SER E 145 -40.75 20.13 -38.08
C SER E 145 -41.07 18.68 -38.39
N SER E 146 -40.88 18.25 -39.64
CA SER E 146 -41.18 16.87 -40.02
C SER E 146 -40.34 16.51 -41.23
N VAL E 147 -39.79 15.31 -41.22
CA VAL E 147 -38.99 14.79 -42.34
C VAL E 147 -39.73 13.61 -42.95
N PRO E 148 -40.42 13.79 -44.07
CA PRO E 148 -41.13 12.67 -44.68
C PRO E 148 -40.16 11.64 -45.25
N VAL E 149 -40.57 10.38 -45.20
CA VAL E 149 -39.75 9.28 -45.70
C VAL E 149 -40.60 8.04 -45.90
N PRO E 151 -38.84 3.16 -46.02
CA PRO E 151 -37.92 2.12 -45.55
C PRO E 151 -36.75 1.89 -46.50
N GLY E 152 -35.56 1.68 -45.95
CA GLY E 152 -34.38 1.47 -46.74
C GLY E 152 -33.67 2.73 -47.19
N GLU E 153 -34.18 3.90 -46.82
CA GLU E 153 -33.58 5.18 -47.22
C GLU E 153 -32.71 5.73 -46.12
N SER E 154 -31.83 6.66 -46.50
CA SER E 154 -30.93 7.32 -45.56
C SER E 154 -31.54 8.63 -45.08
N VAL E 155 -31.42 8.88 -43.78
CA VAL E 155 -31.97 10.08 -43.15
C VAL E 155 -30.89 10.72 -42.31
N SER E 156 -30.77 12.05 -42.40
CA SER E 156 -29.79 12.81 -41.65
C SER E 156 -30.50 13.90 -40.85
N ILE E 157 -30.18 13.96 -39.56
CA ILE E 157 -30.76 14.95 -38.64
C ILE E 157 -29.61 15.74 -38.02
N SER E 158 -29.78 17.06 -37.97
CA SER E 158 -28.71 17.95 -37.56
C SER E 158 -29.10 18.76 -36.33
N CYS E 159 -28.09 19.16 -35.56
CA CYS E 159 -28.25 20.00 -34.38
C CYS E 159 -27.19 21.08 -34.38
N ARG E 160 -27.49 22.20 -33.74
CA ARG E 160 -26.60 23.34 -33.71
C ARG E 160 -26.63 23.97 -32.33
N SER E 161 -25.46 24.34 -31.81
CA SER E 161 -25.33 24.90 -30.48
C SER E 161 -24.82 26.34 -30.56
N SER E 162 -25.17 27.13 -29.54
CA SER E 162 -24.75 28.52 -29.48
C SER E 162 -23.29 28.66 -29.08
N LYS E 163 -22.76 27.73 -28.29
CA LYS E 163 -21.38 27.76 -27.85
C LYS E 163 -20.74 26.39 -28.08
N SER E 164 -19.44 26.39 -28.32
CA SER E 164 -18.74 25.15 -28.62
C SER E 164 -18.82 24.18 -27.45
N LEU E 165 -19.09 22.90 -27.77
CA LEU E 165 -19.23 21.86 -26.77
C LEU E 165 -17.95 21.05 -26.59
N LEU E 166 -16.86 21.46 -27.22
CA LEU E 166 -15.60 20.72 -27.13
C LEU E 166 -14.77 21.28 -25.98
N HIS E 167 -14.43 20.42 -25.02
CA HIS E 167 -13.65 20.81 -23.87
C HIS E 167 -12.17 20.55 -24.12
N SER E 168 -11.32 21.18 -23.30
CA SER E 168 -9.89 21.10 -23.49
C SER E 168 -9.34 19.69 -23.28
N ASN E 169 -10.10 18.81 -22.63
CA ASN E 169 -9.65 17.45 -22.35
C ASN E 169 -9.88 16.49 -23.51
N GLY E 170 -10.49 16.93 -24.60
CA GLY E 170 -10.72 16.10 -25.76
C GLY E 170 -12.12 15.53 -25.87
N ASN E 171 -12.96 15.72 -24.86
CA ASN E 171 -14.32 15.20 -24.86
C ASN E 171 -15.30 16.28 -25.31
N THR E 172 -16.30 15.87 -26.09
CA THR E 172 -17.39 16.74 -26.50
C THR E 172 -18.69 16.15 -25.98
N TYR E 173 -19.47 16.97 -25.27
CA TYR E 173 -20.63 16.49 -24.52
C TYR E 173 -21.92 16.78 -25.29
N LEU E 174 -22.26 15.85 -26.18
CA LEU E 174 -23.52 15.87 -26.90
C LEU E 174 -24.20 14.51 -26.80
N TYR E 175 -25.51 14.52 -26.55
CA TYR E 175 -26.29 13.30 -26.37
C TYR E 175 -27.47 13.29 -27.32
N TRP E 176 -27.85 12.08 -27.73
CA TRP E 176 -28.97 11.86 -28.64
C TRP E 176 -29.96 10.90 -28.00
N PHE E 177 -31.25 11.20 -28.15
CA PHE E 177 -32.32 10.38 -27.60
C PHE E 177 -33.40 10.16 -28.64
N LEU E 178 -34.08 9.01 -28.54
CA LEU E 178 -35.18 8.67 -29.42
C LEU E 178 -36.40 8.33 -28.58
N GLN E 179 -37.54 8.92 -28.91
CA GLN E 179 -38.78 8.71 -28.18
C GLN E 179 -39.83 8.16 -29.13
N ARG E 180 -40.12 6.86 -29.02
CA ARG E 180 -41.17 6.24 -29.80
C ARG E 180 -42.54 6.58 -29.21
N PRO E 181 -43.60 6.50 -30.02
CA PRO E 181 -44.93 6.80 -29.49
C PRO E 181 -45.32 5.87 -28.36
N GLY E 182 -45.67 6.46 -27.22
CA GLY E 182 -46.03 5.70 -26.05
C GLY E 182 -44.88 5.12 -25.27
N GLN E 183 -43.64 5.50 -25.60
CA GLN E 183 -42.46 4.97 -24.94
C GLN E 183 -41.59 6.09 -24.38
N SER E 184 -40.78 5.72 -23.40
CA SER E 184 -39.84 6.64 -22.77
C SER E 184 -38.62 6.87 -23.67
N PRO E 185 -37.92 7.99 -23.48
CA PRO E 185 -36.72 8.24 -24.28
C PRO E 185 -35.67 7.17 -24.06
N GLN E 186 -34.95 6.85 -25.14
CA GLN E 186 -33.91 5.83 -25.13
C GLN E 186 -32.60 6.43 -25.65
N LEU E 187 -31.50 6.11 -24.98
CA LEU E 187 -30.20 6.64 -25.35
C LEU E 187 -29.66 5.93 -26.58
N LEU E 188 -29.14 6.71 -27.53
CA LEU E 188 -28.54 6.17 -28.75
C LEU E 188 -27.05 6.42 -28.82
N ILE E 189 -26.61 7.66 -28.70
CA ILE E 189 -25.20 8.03 -28.84
C ILE E 189 -24.83 9.01 -27.72
N TYR E 190 -23.72 8.73 -27.05
CA TYR E 190 -23.16 9.62 -26.04
C TYR E 190 -21.74 10.01 -26.44
N ARG E 191 -21.40 11.27 -26.20
CA ARG E 191 -20.11 11.86 -26.58
C ARG E 191 -19.85 11.75 -28.08
N MET E 192 -20.93 11.80 -28.86
CA MET E 192 -20.93 12.03 -30.30
C MET E 192 -20.41 10.88 -31.16
N SER E 193 -19.82 9.86 -30.56
CA SER E 193 -19.33 8.75 -31.38
C SER E 193 -19.54 7.39 -30.73
N ASN E 194 -20.04 7.36 -29.51
CA ASN E 194 -20.14 6.12 -28.74
C ASN E 194 -21.54 5.56 -28.86
N LEU E 195 -21.65 4.36 -29.41
CA LEU E 195 -22.94 3.70 -29.57
C LEU E 195 -23.34 3.02 -28.27
N ALA E 196 -24.57 3.27 -27.83
CA ALA E 196 -25.04 2.72 -26.57
C ALA E 196 -25.32 1.23 -26.70
N SER E 197 -25.22 0.52 -25.57
CA SER E 197 -25.45 -0.92 -25.57
C SER E 197 -26.90 -1.24 -25.91
N GLY E 198 -27.07 -2.28 -26.72
CA GLY E 198 -28.40 -2.69 -27.17
C GLY E 198 -28.87 -2.04 -28.45
N VAL E 199 -28.11 -1.09 -28.99
CA VAL E 199 -28.50 -0.37 -30.20
C VAL E 199 -27.91 -1.07 -31.42
N PRO E 200 -28.67 -1.30 -32.49
CA PRO E 200 -28.09 -1.86 -33.71
C PRO E 200 -27.12 -0.88 -34.35
N ASP E 201 -26.22 -1.44 -35.17
CA ASP E 201 -25.14 -0.68 -35.77
C ASP E 201 -25.59 0.20 -36.93
N ARG E 202 -26.90 0.38 -37.13
CA ARG E 202 -27.38 1.24 -38.20
C ARG E 202 -27.28 2.72 -37.86
N PHE E 203 -27.05 3.06 -36.59
CA PHE E 203 -26.96 4.45 -36.16
C PHE E 203 -25.52 4.90 -36.08
N SER E 204 -25.28 6.16 -36.46
CA SER E 204 -23.96 6.75 -36.37
C SER E 204 -24.10 8.26 -36.22
N GLY E 205 -23.02 8.89 -35.74
CA GLY E 205 -23.04 10.31 -35.52
C GLY E 205 -21.64 10.91 -35.62
N SER E 206 -21.59 12.20 -35.94
CA SER E 206 -20.33 12.89 -36.14
C SER E 206 -20.59 14.39 -36.06
N GLY E 207 -19.51 15.15 -36.06
CA GLY E 207 -19.60 16.60 -36.04
C GLY E 207 -18.34 17.21 -35.46
N SER E 208 -18.34 18.54 -35.43
CA SER E 208 -17.21 19.28 -34.88
C SER E 208 -17.68 20.69 -34.54
N GLY E 209 -17.20 21.21 -33.42
CA GLY E 209 -17.53 22.55 -32.98
C GLY E 209 -18.97 22.72 -32.55
N THR E 210 -19.74 23.51 -33.32
CA THR E 210 -21.13 23.79 -33.00
C THR E 210 -22.11 23.15 -33.97
N ALA E 211 -21.64 22.25 -34.83
CA ALA E 211 -22.50 21.59 -35.81
C ALA E 211 -22.35 20.09 -35.66
N PHE E 212 -23.50 19.39 -35.59
CA PHE E 212 -23.52 17.95 -35.40
C PHE E 212 -24.58 17.33 -36.30
N THR E 213 -24.36 16.08 -36.66
CA THR E 213 -25.29 15.35 -37.52
C THR E 213 -25.50 13.93 -37.00
N LEU E 214 -26.67 13.39 -37.29
CA LEU E 214 -27.01 12.01 -36.97
C LEU E 214 -27.39 11.29 -38.26
N THR E 215 -26.86 10.07 -38.43
CA THR E 215 -27.04 9.32 -39.66
C THR E 215 -27.67 7.97 -39.36
N ILE E 216 -28.68 7.59 -40.13
CA ILE E 216 -29.30 6.27 -40.08
C ILE E 216 -29.12 5.63 -41.45
N SER E 217 -28.47 4.47 -41.49
CA SER E 217 -28.13 3.85 -42.77
C SER E 217 -29.35 3.24 -43.45
N ARG E 218 -30.22 2.57 -42.69
CA ARG E 218 -31.38 1.92 -43.26
C ARG E 218 -32.52 2.00 -42.26
N LEU E 219 -33.64 2.60 -42.68
CA LEU E 219 -34.79 2.79 -41.81
C LEU E 219 -35.66 1.53 -41.75
N GLU E 220 -36.28 1.32 -40.60
CA GLU E 220 -37.24 0.25 -40.38
C GLU E 220 -38.51 0.85 -39.80
N ALA E 221 -39.48 -0.03 -39.48
CA ALA E 221 -40.73 0.43 -38.90
C ALA E 221 -40.57 0.94 -37.47
N GLU E 222 -39.48 0.59 -36.80
CA GLU E 222 -39.24 1.00 -35.42
C GLU E 222 -38.41 2.28 -35.30
N ASP E 223 -38.07 2.92 -36.42
CA ASP E 223 -37.26 4.12 -36.41
C ASP E 223 -38.10 5.39 -36.54
N VAL E 224 -39.34 5.36 -36.07
CA VAL E 224 -40.25 6.49 -36.13
C VAL E 224 -40.38 7.11 -34.74
N GLY E 225 -40.17 8.41 -34.66
CA GLY E 225 -40.27 9.11 -33.39
C GLY E 225 -39.64 10.48 -33.49
N VAL E 226 -39.39 11.06 -32.33
CA VAL E 226 -38.79 12.39 -32.20
C VAL E 226 -37.39 12.23 -31.63
N TYR E 227 -36.42 12.90 -32.25
CA TYR E 227 -35.02 12.84 -31.83
C TYR E 227 -34.64 14.16 -31.15
N TYR E 228 -33.94 14.05 -30.02
CA TYR E 228 -33.59 15.21 -29.20
C TYR E 228 -32.08 15.30 -29.02
N CYS E 229 -31.60 16.53 -28.91
CA CYS E 229 -30.19 16.82 -28.65
C CYS E 229 -30.04 17.45 -27.27
N MET E 230 -28.96 17.10 -26.57
CA MET E 230 -28.71 17.60 -25.23
C MET E 230 -27.22 17.86 -25.05
N GLN E 231 -26.89 18.92 -24.31
CA GLN E 231 -25.51 19.24 -23.95
C GLN E 231 -25.31 19.02 -22.46
N HIS E 232 -24.07 18.70 -22.09
CA HIS E 232 -23.71 18.41 -20.71
C HIS E 232 -22.42 19.13 -20.31
N LEU E 233 -22.27 20.39 -20.75
CA LEU E 233 -21.09 21.16 -20.37
C LEU E 233 -21.28 21.87 -19.03
N GLU E 234 -22.36 22.63 -18.91
CA GLU E 234 -22.62 23.40 -17.71
C GLU E 234 -24.10 23.28 -17.34
N TYR E 235 -24.38 23.40 -16.04
CA TYR E 235 -25.77 23.43 -15.60
C TYR E 235 -26.33 24.84 -15.78
N PRO E 236 -27.64 24.99 -16.06
CA PRO E 236 -28.63 23.92 -16.27
C PRO E 236 -28.49 23.21 -17.61
N LEU E 237 -28.98 21.97 -17.67
CA LEU E 237 -28.98 21.21 -18.91
C LEU E 237 -30.08 21.71 -19.84
N THR E 238 -29.78 21.71 -21.14
CA THR E 238 -30.70 22.24 -22.14
C THR E 238 -30.98 21.18 -23.20
N PHE E 239 -32.21 21.19 -23.71
CA PHE E 239 -32.64 20.27 -24.75
C PHE E 239 -33.06 21.03 -26.00
N GLY E 240 -33.09 20.32 -27.12
CA GLY E 240 -33.52 20.90 -28.38
C GLY E 240 -35.02 20.90 -28.53
N ALA E 241 -35.47 21.46 -29.66
CA ALA E 241 -36.90 21.52 -29.95
C ALA E 241 -37.44 20.14 -30.31
N GLY E 242 -36.68 19.36 -31.05
CA GLY E 242 -37.09 18.02 -31.43
C GLY E 242 -37.41 17.93 -32.91
N THR E 243 -36.94 16.86 -33.54
CA THR E 243 -37.17 16.62 -34.96
C THR E 243 -37.98 15.34 -35.10
N LYS E 244 -39.13 15.44 -35.76
CA LYS E 244 -40.04 14.31 -35.93
C LYS E 244 -39.81 13.67 -37.29
N LEU E 245 -39.67 12.35 -37.29
CA LEU E 245 -39.49 11.57 -38.50
C LEU E 245 -40.78 10.80 -38.78
N GLU E 246 -41.41 11.09 -39.93
CA GLU E 246 -42.67 10.46 -40.31
C GLU E 246 -42.41 9.56 -41.51
N LEU E 247 -42.61 8.25 -41.32
CA LEU E 247 -42.43 7.28 -42.38
C LEU E 247 -43.67 7.22 -43.26
N1 91Q F . 14.31 31.01 32.53
C4 91Q F . 12.22 31.48 33.93
C5 91Q F . 10.73 31.18 34.04
C6 91Q F . 10.00 30.31 33.25
C7 91Q F . 8.64 31.16 34.73
C8 91Q F . 9.85 31.72 35.00
C10 91Q F . 8.82 32.96 36.82
C1 91Q F . 15.19 31.55 33.55
C2 91Q F . 14.92 29.86 31.89
C3 91Q F . 12.89 30.76 32.77
N2 91Q F . 8.76 30.33 33.68
C9 91Q F . 9.95 32.64 36.08
C11 91Q F . 7.59 32.39 36.52
C12 91Q F . 7.50 31.48 35.49
O1 91Q F . 11.15 33.25 36.42
H2 91Q F . 12.33 32.56 33.80
H3 91Q F . 12.68 31.17 34.87
H4 91Q F . 10.34 29.72 32.42
H5 91Q F . 8.90 33.66 37.64
H6 91Q F . 15.48 30.76 34.24
H7 91Q F . 16.08 31.94 33.06
H8 91Q F . 14.76 32.38 34.10
H9 91Q F . 14.34 29.60 31.01
H10 91Q F . 14.97 29.01 32.56
H11 91Q F . 15.92 30.11 31.57
H12 91Q F . 12.38 31.06 31.85
H13 91Q F . 12.75 29.70 32.92
H14 91Q F . 8.01 29.79 33.28
H15 91Q F . 6.72 32.63 37.11
H16 91Q F . 6.56 31.02 35.23
H17 91Q F . 11.71 32.62 36.84
C1 CLR G . -2.24 5.52 24.53
C2 CLR G . -3.10 4.35 24.07
C3 CLR G . -4.42 4.34 24.81
C4 CLR G . -5.15 5.64 24.54
C5 CLR G . -4.32 6.86 24.90
C6 CLR G . -4.85 7.82 25.64
C7 CLR G . -4.10 8.99 26.20
C8 CLR G . -2.81 9.27 25.44
C9 CLR G . -2.05 7.95 25.19
C10 CLR G . -2.89 6.92 24.36
C11 CLR G . -0.63 8.19 24.64
C12 CLR G . 0.17 9.26 25.38
C13 CLR G . -0.59 10.58 25.53
C14 CLR G . -1.92 10.23 26.21
C15 CLR G . -2.49 11.57 26.68
C16 CLR G . -1.26 12.48 26.87
C17 CLR G . -0.03 11.58 26.58
C18 CLR G . -0.77 11.27 24.15
C19 CLR G . -2.96 7.28 22.87
C20 CLR G . 1.32 12.30 26.32
C21 CLR G . 2.39 11.86 27.33
C22 CLR G . 1.25 13.84 26.28
C23 CLR G . 0.85 14.44 24.95
C24 CLR G . 1.98 14.44 23.93
C25 CLR G . 1.64 13.88 22.54
C26 CLR G . 0.41 14.54 21.93
C27 CLR G . 1.47 12.37 22.57
O1 CLR G . -5.21 3.23 24.38
H11 CLR G . -2.00 5.38 25.47
H12 CLR G . -1.40 5.50 24.02
H21 CLR G . -3.26 4.41 23.11
H22 CLR G . -2.62 3.51 24.25
H3 CLR G . -4.24 4.27 25.78
H41 CLR G . -5.97 5.65 25.07
H42 CLR G . -5.39 5.69 23.60
H6 CLR G . -5.77 7.78 25.81
H71 CLR G . -3.88 8.80 27.14
H72 CLR G . -4.67 9.78 26.17
H8 CLR G . -3.05 9.69 24.57
H9 CLR G . -1.93 7.55 26.08
H111 CLR G . -0.68 8.43 23.69
H112 CLR G . -0.13 7.35 24.69
H121 CLR G . 1.01 9.44 24.89
H122 CLR G . 0.41 8.93 26.27
H14 CLR G . -1.68 9.75 27.03
H151 CLR G . -2.98 11.46 27.53
H152 CLR G . -3.11 11.94 26.02
H161 CLR G . -1.23 12.82 27.78
H162 CLR G . -1.32 13.23 26.26
H17 CLR G . 0.12 11.06 27.40
H181 CLR G . 0.09 11.52 23.80
H182 CLR G . -1.32 12.05 24.23
H183 CLR G . -1.19 10.66 23.53
H191 CLR G . -3.73 6.86 22.46
H192 CLR G . -2.16 6.97 22.42
H193 CLR G . -3.03 8.24 22.77
H20 CLR G . 1.64 12.01 25.44
H211 CLR G . 2.42 10.89 27.36
H212 CLR G . 2.16 12.21 28.21
H213 CLR G . 3.26 12.21 27.05
H221 CLR G . 2.14 14.18 26.52
H222 CLR G . 0.64 14.15 26.97
H231 CLR G . 0.56 15.37 25.11
H232 CLR G . 0.09 13.96 24.60
H241 CLR G . 2.28 15.37 23.81
H242 CLR G . 2.72 13.93 24.29
H25 CLR G . 2.41 14.07 21.95
H261 CLR G . 0.49 14.55 20.97
H262 CLR G . 0.34 15.46 22.25
H263 CLR G . -0.39 14.06 22.19
H271 CLR G . 1.31 12.04 21.67
H272 CLR G . 0.71 12.13 23.13
H273 CLR G . 2.27 11.95 22.93
H1 CLR G . -5.34 3.25 23.56
#